data_6HZY
#
_entry.id   6HZY
#
_cell.length_a   104.925
_cell.length_b   84.602
_cell.length_c   121.737
_cell.angle_alpha   90.00
_cell.angle_beta   109.00
_cell.angle_gamma   90.00
#
_symmetry.space_group_name_H-M   'I 1 2 1'
#
loop_
_entity.id
_entity.type
_entity.pdbx_description
1 polymer Alpha-L-fucosidase
2 non-polymer 1,2-ETHANEDIOL
3 non-polymer '[(~{Z})-[(3~{S},4~{R},5~{S},6~{S})-6-methyl-3,4,5-tris(oxidanyl)oxan-2-ylidene]amino] ~{N}-phenylcarbamate'
4 non-polymer 'SULFATE ION'
5 water water
#
_entity_poly.entity_id   1
_entity_poly.type   'polypeptide(L)'
_entity_poly.pdbx_seq_one_letter_code
;MGSHHHHHHSSGLEVLFQGPAEAKKEIPLKYGATNEGKRQDPAMQKFRDNRLGAFIHWGLYAIPGGEWNGKVYGGAAEWL
KSWAKVPADEWLKLMDQWNPTKFDAKKWAKMAKEMGTKYVKITTKHHEGFCLWPSKYTKYTVANTPYKRDILGELVKAYN
DEGIDVHFYFSVMDWSNPDYRYDIKSKEDSIAFSRFLEFTDNQLKELATRYPTVKDFWFDGTWDASVKKNGWWTAHAEQM
LKELVPGVAINSRLRADDKGKRHFDSNGRLMGDYESGYERRLPDPVKDLKVTQWDWEACMTIPENQWGYHKDWSLSYVKT
PIEVIDRIVHAVSMGGNMVVNFGPQADGDFRPEEKAMATAIGKWMNRYGKAVYACDYAGFEKQDWGYYTRGKNDEVYMVV
FNQPYSERLIVKTPKGITVEKATLLTTGEDITVVETTRNEYNVSVPKKNPGEPYVIQLKVRAAKGTKSIYRDALT
;
_entity_poly.pdbx_strand_id   A,B
#
# COMPACT_ATOMS: atom_id res chain seq x y z
N ILE A 27 5.21 -31.57 21.03
CA ILE A 27 6.49 -32.34 21.14
C ILE A 27 7.18 -31.96 22.45
N PRO A 28 7.58 -32.94 23.29
CA PRO A 28 8.35 -32.62 24.49
C PRO A 28 9.73 -32.15 23.99
N LEU A 29 10.19 -31.05 24.56
CA LEU A 29 11.52 -30.47 24.34
C LEU A 29 12.09 -30.12 25.70
N LYS A 30 13.37 -30.38 25.92
CA LYS A 30 14.05 -29.92 27.15
C LYS A 30 14.59 -28.50 26.94
N TYR A 31 14.84 -28.10 25.68
CA TYR A 31 15.63 -26.88 25.31
C TYR A 31 14.87 -25.93 24.37
N GLY A 32 13.54 -26.02 24.34
CA GLY A 32 12.68 -25.16 23.51
C GLY A 32 12.36 -23.89 24.25
N ALA A 33 11.24 -23.25 23.94
CA ALA A 33 10.91 -21.87 24.38
C ALA A 33 10.61 -21.83 25.87
N THR A 34 10.86 -20.69 26.49
CA THR A 34 10.76 -20.51 27.95
C THR A 34 9.72 -19.44 28.30
N ASN A 35 9.25 -18.65 27.31
CA ASN A 35 8.22 -17.61 27.59
C ASN A 35 6.90 -18.09 26.99
N GLU A 36 5.81 -17.94 27.74
CA GLU A 36 4.44 -18.07 27.20
C GLU A 36 3.99 -16.67 26.77
N GLY A 37 4.04 -16.39 25.46
CA GLY A 37 3.77 -15.04 24.93
C GLY A 37 4.84 -14.06 25.33
N LYS A 38 4.58 -12.76 25.21
CA LYS A 38 5.57 -11.72 25.53
C LYS A 38 5.82 -11.67 27.05
N ARG A 39 7.08 -11.45 27.42
CA ARG A 39 7.46 -11.06 28.79
C ARG A 39 6.84 -9.69 29.11
N GLN A 40 6.26 -9.53 30.29
CA GLN A 40 5.72 -8.21 30.74
C GLN A 40 6.39 -7.73 32.04
N ASP A 41 7.48 -8.36 32.48
CA ASP A 41 8.29 -7.83 33.60
C ASP A 41 8.87 -6.46 33.22
N PRO A 42 9.18 -5.60 34.21
CA PRO A 42 9.61 -4.23 33.91
C PRO A 42 10.83 -4.11 32.97
N ALA A 43 11.75 -5.08 33.06
CA ALA A 43 13.01 -5.05 32.25
C ALA A 43 12.62 -5.23 30.77
N MET A 44 11.74 -6.17 30.47
CA MET A 44 11.29 -6.40 29.07
C MET A 44 10.46 -5.20 28.61
N GLN A 45 9.57 -4.71 29.45
CA GLN A 45 8.79 -3.49 29.09
C GLN A 45 9.74 -2.35 28.70
N LYS A 46 10.85 -2.16 29.43
CA LYS A 46 11.85 -1.10 29.16
C LYS A 46 12.54 -1.38 27.81
N PHE A 47 12.98 -2.62 27.57
CA PHE A 47 13.61 -3.01 26.29
C PHE A 47 12.67 -2.60 25.15
N ARG A 48 11.40 -2.95 25.28
CA ARG A 48 10.35 -2.68 24.24
C ARG A 48 10.11 -1.18 24.11
N ASP A 49 9.83 -0.49 25.23
CA ASP A 49 9.49 0.96 25.24
C ASP A 49 10.64 1.77 24.63
N ASN A 50 11.90 1.35 24.83
CA ASN A 50 13.09 2.06 24.31
C ASN A 50 12.87 2.37 22.81
N ARG A 51 12.48 1.32 22.07
CA ARG A 51 12.10 1.24 20.63
C ARG A 51 13.26 1.56 19.67
N LEU A 52 13.99 2.67 19.88
CA LEU A 52 15.07 3.09 18.96
C LEU A 52 16.45 2.82 19.57
N GLY A 53 17.24 2.00 18.88
CA GLY A 53 18.63 1.72 19.20
C GLY A 53 19.63 2.13 18.15
N ALA A 54 20.88 2.19 18.57
CA ALA A 54 22.03 2.27 17.67
C ALA A 54 22.82 0.99 17.83
N PHE A 55 23.45 0.55 16.76
CA PHE A 55 24.43 -0.56 16.77
C PHE A 55 25.82 0.05 16.56
N ILE A 56 26.81 -0.36 17.35
CA ILE A 56 28.25 -0.07 17.10
C ILE A 56 28.92 -1.36 16.61
N HIS A 57 29.46 -1.38 15.40
CA HIS A 57 30.40 -2.41 14.92
C HIS A 57 31.79 -1.81 14.94
N TRP A 58 32.58 -2.17 15.92
CA TRP A 58 33.97 -1.68 16.03
C TRP A 58 34.90 -2.83 16.38
N GLY A 59 35.95 -2.99 15.61
CA GLY A 59 36.90 -4.10 15.70
C GLY A 59 38.08 -3.85 14.79
N LEU A 60 38.96 -4.85 14.66
CA LEU A 60 40.24 -4.76 13.90
C LEU A 60 39.93 -4.45 12.43
N TYR A 61 38.78 -4.90 11.90
CA TYR A 61 38.31 -4.62 10.52
C TYR A 61 38.23 -3.11 10.25
N ALA A 62 38.06 -2.25 11.24
CA ALA A 62 38.00 -0.79 11.00
C ALA A 62 39.37 -0.32 10.43
N ILE A 63 40.46 -1.03 10.69
CA ILE A 63 41.82 -0.61 10.21
C ILE A 63 41.91 -0.76 8.70
N PRO A 64 41.80 -1.97 8.09
CA PRO A 64 41.86 -2.08 6.64
C PRO A 64 40.67 -1.39 5.96
N GLY A 65 39.53 -1.35 6.65
CA GLY A 65 38.29 -0.72 6.14
C GLY A 65 37.89 -1.22 4.77
N GLY A 66 38.00 -2.52 4.51
CA GLY A 66 37.54 -3.19 3.29
C GLY A 66 38.63 -3.33 2.25
N GLU A 67 39.85 -2.92 2.58
CA GLU A 67 41.02 -3.08 1.67
C GLU A 67 42.09 -3.96 2.29
N TRP A 68 42.56 -4.94 1.51
CA TRP A 68 43.67 -5.83 1.88
C TRP A 68 44.67 -5.99 0.72
N ASN A 69 45.94 -5.72 1.00
CA ASN A 69 47.05 -5.98 0.06
C ASN A 69 46.73 -5.27 -1.27
N GLY A 70 46.25 -4.03 -1.17
CA GLY A 70 46.05 -3.13 -2.31
C GLY A 70 44.75 -3.39 -3.09
N LYS A 71 43.91 -4.34 -2.65
CA LYS A 71 42.63 -4.65 -3.32
C LYS A 71 41.47 -4.23 -2.40
N VAL A 72 40.53 -3.47 -2.93
CA VAL A 72 39.30 -3.10 -2.18
C VAL A 72 38.25 -4.18 -2.49
N TYR A 73 37.64 -4.73 -1.44
CA TYR A 73 36.64 -5.82 -1.52
C TYR A 73 35.26 -5.19 -1.31
N GLY A 74 34.31 -5.49 -2.19
CA GLY A 74 32.92 -4.98 -2.13
C GLY A 74 32.11 -5.54 -0.95
N GLY A 75 32.44 -6.76 -0.51
CA GLY A 75 31.74 -7.42 0.62
C GLY A 75 31.83 -6.59 1.91
N ALA A 76 31.02 -6.97 2.92
CA ALA A 76 30.97 -6.29 4.22
C ALA A 76 32.39 -6.28 4.85
N ALA A 77 32.83 -5.09 5.21
CA ALA A 77 34.19 -4.83 5.73
C ALA A 77 34.51 -5.77 6.90
N GLU A 78 33.54 -6.10 7.76
CA GLU A 78 33.83 -6.88 8.98
C GLU A 78 34.10 -8.34 8.62
N TRP A 79 33.85 -8.74 7.37
CA TRP A 79 34.10 -10.09 6.81
C TRP A 79 35.36 -10.09 5.94
N LEU A 80 36.14 -9.01 5.93
CA LEU A 80 37.33 -8.86 5.03
C LEU A 80 38.33 -10.00 5.22
N LYS A 81 38.48 -10.53 6.45
CA LYS A 81 39.40 -11.67 6.70
C LYS A 81 38.97 -12.81 5.79
N SER A 82 37.66 -13.03 5.64
CA SER A 82 37.09 -14.09 4.77
C SER A 82 37.33 -13.74 3.29
N TRP A 83 36.92 -12.54 2.87
CA TRP A 83 37.00 -12.09 1.44
C TRP A 83 38.43 -12.26 0.93
N ALA A 84 39.39 -11.82 1.72
CA ALA A 84 40.82 -11.71 1.37
C ALA A 84 41.59 -12.96 1.83
N LYS A 85 40.90 -13.96 2.38
CA LYS A 85 41.49 -15.25 2.85
C LYS A 85 42.74 -14.98 3.69
N VAL A 86 42.62 -14.07 4.65
CA VAL A 86 43.70 -13.71 5.60
C VAL A 86 43.84 -14.79 6.67
N PRO A 87 45.03 -15.40 6.86
CA PRO A 87 45.26 -16.26 8.03
C PRO A 87 45.01 -15.51 9.34
N ALA A 88 44.52 -16.22 10.36
CA ALA A 88 44.23 -15.64 11.69
C ALA A 88 45.44 -14.89 12.20
N ASP A 89 46.64 -15.46 12.09
N ASP A 89 46.66 -15.44 12.09
CA ASP A 89 47.88 -14.84 12.62
CA ASP A 89 47.85 -14.78 12.70
C ASP A 89 48.03 -13.45 12.01
C ASP A 89 48.08 -13.43 12.01
N GLU A 90 47.99 -13.36 10.67
CA GLU A 90 48.18 -12.08 9.93
C GLU A 90 47.05 -11.12 10.26
N TRP A 91 45.79 -11.59 10.24
CA TRP A 91 44.64 -10.71 10.59
C TRP A 91 44.81 -10.08 11.97
N LEU A 92 45.08 -10.90 12.97
CA LEU A 92 45.07 -10.47 14.39
C LEU A 92 46.31 -9.61 14.67
N LYS A 93 47.33 -9.65 13.80
CA LYS A 93 48.49 -8.70 13.81
C LYS A 93 48.01 -7.25 13.71
N LEU A 94 46.81 -7.02 13.15
CA LEU A 94 46.19 -5.68 13.14
C LEU A 94 46.11 -5.09 14.56
N MET A 95 46.11 -5.90 15.64
CA MET A 95 46.10 -5.34 17.02
C MET A 95 47.30 -4.39 17.23
N ASP A 96 48.45 -4.68 16.65
CA ASP A 96 49.66 -3.81 16.77
C ASP A 96 49.39 -2.40 16.22
N GLN A 97 48.40 -2.23 15.35
CA GLN A 97 48.04 -0.93 14.69
C GLN A 97 46.85 -0.29 15.39
N TRP A 98 46.25 -0.95 16.39
CA TRP A 98 44.99 -0.49 17.01
C TRP A 98 45.28 0.66 17.99
N ASN A 99 45.01 1.92 17.63
CA ASN A 99 45.36 3.10 18.45
C ASN A 99 44.37 4.21 18.17
N PRO A 100 43.09 4.06 18.59
CA PRO A 100 42.06 5.03 18.25
C PRO A 100 42.19 6.33 19.08
N THR A 101 43.19 7.13 18.73
CA THR A 101 43.58 8.32 19.53
C THR A 101 42.42 9.31 19.65
N LYS A 102 41.50 9.39 18.67
CA LYS A 102 40.37 10.38 18.73
C LYS A 102 39.15 9.79 19.46
N PHE A 103 39.25 8.54 19.90
CA PHE A 103 38.21 7.89 20.73
C PHE A 103 37.89 8.75 21.96
N ASP A 104 36.61 8.95 22.23
CA ASP A 104 36.15 9.68 23.43
C ASP A 104 34.73 9.18 23.75
N ALA A 105 34.64 8.25 24.70
CA ALA A 105 33.38 7.55 25.07
C ALA A 105 32.29 8.55 25.43
N LYS A 106 32.64 9.69 26.04
CA LYS A 106 31.67 10.76 26.35
C LYS A 106 31.11 11.35 25.06
N LYS A 107 31.95 11.65 24.07
CA LYS A 107 31.49 12.19 22.77
C LYS A 107 30.53 11.18 22.12
N TRP A 108 30.90 9.89 22.15
CA TRP A 108 30.08 8.81 21.54
C TRP A 108 28.69 8.80 22.20
N ALA A 109 28.66 8.94 23.52
CA ALA A 109 27.40 8.85 24.30
C ALA A 109 26.53 10.09 24.08
N LYS A 110 27.15 11.25 23.87
CA LYS A 110 26.45 12.50 23.47
C LYS A 110 25.89 12.36 22.04
N MET A 111 26.62 11.74 21.12
CA MET A 111 26.20 11.48 19.72
C MET A 111 24.91 10.65 19.75
N ALA A 112 24.90 9.58 20.54
CA ALA A 112 23.75 8.65 20.72
C ALA A 112 22.57 9.39 21.37
N LYS A 113 22.82 10.13 22.45
CA LYS A 113 21.81 10.95 23.17
C LYS A 113 21.18 11.97 22.21
N GLU A 114 21.99 12.67 21.41
CA GLU A 114 21.51 13.72 20.46
C GLU A 114 20.62 13.06 19.38
N MET A 115 20.99 11.86 18.92
CA MET A 115 20.27 11.06 17.89
C MET A 115 18.87 10.67 18.39
N GLY A 116 18.68 10.55 19.71
CA GLY A 116 17.43 10.08 20.33
C GLY A 116 17.40 8.58 20.57
N THR A 117 18.56 7.91 20.50
CA THR A 117 18.70 6.46 20.77
C THR A 117 18.48 6.24 22.27
N LYS A 118 17.70 5.23 22.63
CA LYS A 118 17.46 4.87 24.06
C LYS A 118 18.36 3.71 24.49
N TYR A 119 18.97 3.01 23.54
CA TYR A 119 19.91 1.91 23.82
C TYR A 119 20.93 1.81 22.70
N VAL A 120 22.10 1.26 23.05
CA VAL A 120 23.19 0.99 22.09
C VAL A 120 23.64 -0.47 22.22
N LYS A 121 23.66 -1.17 21.09
CA LYS A 121 24.17 -2.54 20.98
C LYS A 121 25.61 -2.48 20.46
N ILE A 122 26.54 -3.04 21.23
CA ILE A 122 28.01 -2.95 20.96
C ILE A 122 28.60 -4.32 20.59
N THR A 123 29.37 -4.42 19.51
CA THR A 123 30.18 -5.63 19.19
C THR A 123 31.25 -5.82 20.28
N THR A 124 30.99 -6.70 21.26
CA THR A 124 32.01 -7.01 22.30
C THR A 124 33.15 -7.77 21.64
N LYS A 125 32.79 -8.67 20.74
CA LYS A 125 33.65 -9.58 19.94
C LYS A 125 32.90 -10.00 18.68
N HIS A 126 33.42 -9.66 17.49
CA HIS A 126 32.92 -10.19 16.19
C HIS A 126 33.58 -11.54 15.83
N HIS A 127 33.26 -12.04 14.64
CA HIS A 127 33.77 -13.30 14.05
C HIS A 127 35.29 -13.31 14.14
N GLU A 128 35.95 -12.14 13.97
CA GLU A 128 37.43 -12.05 14.05
C GLU A 128 37.95 -12.54 15.41
N GLY A 129 37.18 -12.42 16.51
CA GLY A 129 37.62 -12.91 17.84
C GLY A 129 38.32 -11.88 18.71
N PHE A 130 38.57 -10.66 18.19
CA PHE A 130 39.19 -9.53 18.92
C PHE A 130 38.18 -8.95 19.92
N CYS A 131 38.48 -9.01 21.23
CA CYS A 131 37.60 -8.51 22.31
C CYS A 131 37.85 -7.03 22.61
N LEU A 132 36.77 -6.26 22.74
CA LEU A 132 36.75 -4.80 23.03
C LEU A 132 36.87 -4.55 24.53
N TRP A 133 36.85 -5.63 25.30
CA TRP A 133 37.14 -5.66 26.77
C TRP A 133 38.36 -6.57 27.01
N PRO A 134 39.11 -6.33 28.10
CA PRO A 134 40.34 -7.07 28.38
C PRO A 134 40.06 -8.44 28.99
N SER A 135 39.59 -9.36 28.15
CA SER A 135 39.26 -10.74 28.55
C SER A 135 40.52 -11.44 29.07
N LYS A 136 40.35 -12.27 30.11
CA LYS A 136 41.49 -13.06 30.66
C LYS A 136 41.45 -14.45 30.01
N TYR A 137 40.61 -14.66 29.00
CA TYR A 137 40.46 -15.99 28.35
C TYR A 137 41.10 -16.02 26.95
N THR A 138 41.65 -14.90 26.49
CA THR A 138 42.40 -14.81 25.21
C THR A 138 43.38 -13.63 25.30
N LYS A 139 44.45 -13.69 24.53
CA LYS A 139 45.36 -12.53 24.35
C LYS A 139 44.85 -11.60 23.25
N TYR A 140 43.81 -11.96 22.50
CA TYR A 140 43.35 -11.14 21.34
C TYR A 140 42.31 -10.11 21.82
N THR A 141 42.74 -9.10 22.57
CA THR A 141 41.89 -8.09 23.26
C THR A 141 42.57 -6.73 23.23
N VAL A 142 41.78 -5.69 23.50
CA VAL A 142 42.15 -4.25 23.63
C VAL A 142 43.40 -4.08 24.50
N ALA A 143 43.56 -4.89 25.55
CA ALA A 143 44.70 -4.84 26.51
C ALA A 143 46.02 -4.94 25.73
N ASN A 144 46.11 -5.79 24.71
CA ASN A 144 47.38 -6.12 23.99
C ASN A 144 47.39 -5.34 22.68
N THR A 145 47.10 -4.06 22.77
CA THR A 145 47.23 -3.08 21.68
C THR A 145 47.94 -1.86 22.25
N PRO A 146 48.50 -0.98 21.39
CA PRO A 146 49.05 0.29 21.88
C PRO A 146 48.07 1.13 22.70
N TYR A 147 46.77 1.09 22.38
CA TYR A 147 45.75 1.91 23.09
C TYR A 147 45.51 1.41 24.52
N LYS A 148 45.55 0.09 24.69
CA LYS A 148 45.48 -0.67 25.98
C LYS A 148 44.13 -0.55 26.70
N ARG A 149 43.36 0.53 26.54
CA ARG A 149 42.20 0.86 27.41
C ARG A 149 41.01 -0.08 27.14
N ASP A 150 40.21 -0.33 28.17
CA ASP A 150 38.98 -1.17 28.09
C ASP A 150 37.88 -0.36 27.38
N ILE A 151 37.84 -0.42 26.06
CA ILE A 151 36.89 0.39 25.24
C ILE A 151 35.45 0.06 25.68
N LEU A 152 35.15 -1.22 25.84
CA LEU A 152 33.78 -1.71 26.18
C LEU A 152 33.38 -1.06 27.50
N GLY A 153 34.24 -1.14 28.52
CA GLY A 153 33.98 -0.52 29.83
C GLY A 153 33.80 0.98 29.74
N GLU A 154 34.56 1.70 28.90
CA GLU A 154 34.45 3.17 28.78
C GLU A 154 33.11 3.49 28.13
N LEU A 155 32.73 2.70 27.14
CA LEU A 155 31.41 2.86 26.47
C LEU A 155 30.27 2.56 27.46
N VAL A 156 30.32 1.43 28.18
CA VAL A 156 29.18 1.06 29.08
C VAL A 156 28.89 2.26 30.01
N LYS A 157 29.94 2.81 30.61
CA LYS A 157 29.79 3.87 31.63
C LYS A 157 29.30 5.17 30.96
N ALA A 158 29.83 5.55 29.80
CA ALA A 158 29.49 6.82 29.13
C ALA A 158 28.02 6.77 28.67
N TYR A 159 27.63 5.67 28.03
CA TYR A 159 26.24 5.50 27.55
C TYR A 159 25.34 5.58 28.79
N ASN A 160 25.66 4.83 29.85
CA ASN A 160 24.83 4.70 31.07
C ASN A 160 24.66 6.06 31.76
N ASP A 161 25.72 6.89 31.81
CA ASP A 161 25.71 8.27 32.37
C ASP A 161 24.69 9.15 31.61
N GLU A 162 24.42 8.85 30.32
CA GLU A 162 23.48 9.61 29.47
C GLU A 162 22.05 9.06 29.61
N GLY A 163 21.84 8.04 30.45
CA GLY A 163 20.54 7.34 30.62
C GLY A 163 20.27 6.33 29.52
N ILE A 164 21.31 5.90 28.79
CA ILE A 164 21.19 4.99 27.60
C ILE A 164 21.53 3.57 28.03
N ASP A 165 20.64 2.60 27.80
CA ASP A 165 20.87 1.17 28.07
C ASP A 165 21.90 0.57 27.12
N VAL A 166 22.66 -0.40 27.60
CA VAL A 166 23.73 -1.04 26.80
C VAL A 166 23.40 -2.52 26.66
N HIS A 167 23.45 -2.96 25.41
CA HIS A 167 23.27 -4.34 24.91
C HIS A 167 24.60 -4.84 24.32
N PHE A 168 24.96 -6.09 24.54
CA PHE A 168 26.20 -6.72 24.04
C PHE A 168 25.86 -7.64 22.88
N TYR A 169 26.30 -7.27 21.67
CA TYR A 169 26.51 -8.23 20.57
C TYR A 169 27.62 -9.20 21.00
N PHE A 170 27.48 -10.48 20.68
CA PHE A 170 28.52 -11.50 20.90
C PHE A 170 28.48 -12.54 19.79
N SER A 171 29.61 -12.74 19.11
CA SER A 171 29.78 -13.78 18.07
C SER A 171 30.25 -15.06 18.72
N VAL A 172 29.41 -16.09 18.71
CA VAL A 172 29.83 -17.46 19.08
C VAL A 172 30.93 -17.91 18.11
N MET A 173 30.66 -17.94 16.81
CA MET A 173 31.70 -18.21 15.79
C MET A 173 32.92 -17.32 16.07
N ASP A 174 34.10 -17.91 16.11
CA ASP A 174 35.33 -17.19 16.49
C ASP A 174 36.48 -17.68 15.63
N TRP A 175 36.92 -16.84 14.70
CA TRP A 175 37.97 -17.14 13.71
C TRP A 175 39.36 -17.17 14.35
N SER A 176 39.49 -16.72 15.59
CA SER A 176 40.77 -16.65 16.34
C SER A 176 41.00 -17.92 17.16
N ASN A 177 39.97 -18.77 17.29
CA ASN A 177 40.11 -19.98 18.16
C ASN A 177 40.03 -21.22 17.28
N PRO A 178 41.13 -21.99 17.15
CA PRO A 178 41.18 -23.12 16.23
C PRO A 178 40.31 -24.31 16.70
N ASP A 179 39.78 -24.23 17.91
CA ASP A 179 38.81 -25.22 18.46
C ASP A 179 37.39 -24.95 17.92
N TYR A 180 37.14 -23.83 17.24
CA TYR A 180 35.84 -23.64 16.58
C TYR A 180 35.69 -24.70 15.47
N ARG A 181 34.48 -25.21 15.29
CA ARG A 181 34.13 -26.09 14.15
C ARG A 181 32.80 -25.62 13.58
N TYR A 182 32.66 -25.75 12.25
CA TYR A 182 31.47 -25.34 11.47
C TYR A 182 30.48 -26.50 11.53
N ASP A 183 31.02 -27.72 11.62
CA ASP A 183 30.24 -28.97 11.71
C ASP A 183 31.06 -30.02 12.47
N ILE A 184 30.40 -31.09 12.91
CA ILE A 184 31.03 -32.24 13.63
C ILE A 184 31.02 -33.42 12.67
N LYS A 185 32.19 -33.79 12.17
CA LYS A 185 32.35 -34.82 11.10
C LYS A 185 33.32 -35.89 11.57
N SER A 186 33.76 -35.85 12.84
CA SER A 186 34.80 -36.75 13.35
C SER A 186 34.79 -36.77 14.88
N LYS A 187 35.59 -37.66 15.46
CA LYS A 187 35.81 -37.75 16.92
C LYS A 187 36.66 -36.54 17.40
N GLU A 188 37.56 -35.99 16.59
CA GLU A 188 38.41 -34.85 17.01
C GLU A 188 37.60 -33.54 16.95
N ASP A 189 36.66 -33.43 16.00
CA ASP A 189 35.73 -32.26 15.91
C ASP A 189 34.92 -32.19 17.20
N SER A 190 34.41 -33.33 17.67
CA SER A 190 33.55 -33.39 18.87
C SER A 190 34.31 -32.79 20.05
N ILE A 191 35.51 -33.32 20.33
CA ILE A 191 36.32 -32.98 21.53
C ILE A 191 36.76 -31.50 21.43
N ALA A 192 37.15 -31.06 20.24
CA ALA A 192 37.60 -29.66 20.04
C ALA A 192 36.42 -28.71 20.28
N PHE A 193 35.23 -29.06 19.81
CA PHE A 193 34.06 -28.14 19.91
C PHE A 193 33.61 -28.04 21.36
N SER A 194 33.74 -29.14 22.13
CA SER A 194 33.49 -29.14 23.59
C SER A 194 34.40 -28.14 24.30
N ARG A 195 35.69 -28.11 23.98
CA ARG A 195 36.65 -27.08 24.48
C ARG A 195 36.17 -25.68 24.08
N PHE A 196 35.68 -25.55 22.86
CA PHE A 196 35.24 -24.25 22.31
C PHE A 196 34.04 -23.71 23.12
N LEU A 197 33.08 -24.58 23.44
CA LEU A 197 31.88 -24.16 24.21
C LEU A 197 32.30 -23.75 25.62
N GLU A 198 33.31 -24.41 26.23
CA GLU A 198 33.80 -24.03 27.58
C GLU A 198 34.39 -22.62 27.55
N PHE A 199 35.23 -22.36 26.56
CA PHE A 199 35.85 -21.02 26.29
C PHE A 199 34.72 -19.96 26.18
N THR A 200 33.68 -20.28 25.42
CA THR A 200 32.57 -19.32 25.11
C THR A 200 31.84 -18.99 26.42
N ASP A 201 31.54 -20.01 27.23
CA ASP A 201 30.94 -19.82 28.57
C ASP A 201 31.79 -18.88 29.42
N ASN A 202 33.12 -19.06 29.43
CA ASN A 202 34.06 -18.23 30.21
C ASN A 202 33.91 -16.76 29.80
N GLN A 203 33.92 -16.48 28.48
CA GLN A 203 33.80 -15.06 28.03
C GLN A 203 32.43 -14.51 28.45
N LEU A 204 31.34 -15.28 28.31
CA LEU A 204 29.97 -14.78 28.54
C LEU A 204 29.78 -14.44 30.02
N LYS A 205 30.25 -15.33 30.90
CA LYS A 205 30.17 -15.11 32.36
C LYS A 205 31.00 -13.88 32.71
N GLU A 206 32.18 -13.74 32.08
CA GLU A 206 33.08 -12.60 32.32
C GLU A 206 32.39 -11.30 31.89
N LEU A 207 31.78 -11.23 30.70
CA LEU A 207 31.00 -10.01 30.31
C LEU A 207 29.87 -9.70 31.32
N ALA A 208 29.09 -10.69 31.72
CA ALA A 208 27.96 -10.54 32.66
C ALA A 208 28.46 -10.01 34.02
N THR A 209 29.65 -10.44 34.45
CA THR A 209 30.19 -10.12 35.81
C THR A 209 30.90 -8.77 35.78
N ARG A 210 31.71 -8.49 34.74
CA ARG A 210 32.44 -7.20 34.61
C ARG A 210 31.48 -6.03 34.41
N TYR A 211 30.38 -6.24 33.65
CA TYR A 211 29.49 -5.15 33.19
C TYR A 211 28.04 -5.48 33.56
N PRO A 212 27.68 -5.45 34.87
CA PRO A 212 26.34 -5.83 35.30
C PRO A 212 25.19 -4.88 34.91
N THR A 213 25.46 -3.71 34.31
CA THR A 213 24.41 -2.80 33.77
C THR A 213 23.92 -3.32 32.41
N VAL A 214 24.53 -4.37 31.85
CA VAL A 214 24.10 -4.95 30.54
C VAL A 214 22.64 -5.41 30.61
N LYS A 215 21.87 -5.10 29.56
CA LYS A 215 20.39 -5.32 29.57
C LYS A 215 20.01 -6.41 28.58
N ASP A 216 20.94 -6.83 27.71
CA ASP A 216 20.67 -7.72 26.57
C ASP A 216 21.95 -8.35 26.06
N PHE A 217 21.86 -9.59 25.59
CA PHE A 217 22.90 -10.31 24.84
C PHE A 217 22.28 -10.64 23.49
N TRP A 218 22.88 -10.06 22.46
CA TRP A 218 22.44 -10.25 21.07
C TRP A 218 23.46 -11.18 20.42
N PHE A 219 23.10 -12.44 20.26
CA PHE A 219 24.03 -13.47 19.74
C PHE A 219 24.04 -13.45 18.21
N ASP A 220 25.22 -13.74 17.65
CA ASP A 220 25.49 -13.94 16.22
C ASP A 220 26.47 -15.10 16.04
N GLY A 221 26.64 -15.53 14.81
CA GLY A 221 27.57 -16.61 14.47
C GLY A 221 27.15 -17.87 15.20
N THR A 222 25.85 -18.11 15.19
CA THR A 222 25.24 -19.29 15.88
C THR A 222 24.48 -20.17 14.89
N TRP A 223 24.70 -20.01 13.58
CA TRP A 223 23.92 -20.64 12.47
C TRP A 223 24.55 -21.97 12.05
N ASP A 224 25.77 -22.28 12.50
CA ASP A 224 26.52 -23.43 11.92
C ASP A 224 25.92 -24.76 12.41
N ALA A 225 26.14 -25.84 11.68
CA ALA A 225 25.63 -27.19 12.04
C ALA A 225 26.11 -27.55 13.46
N SER A 226 27.32 -27.12 13.81
CA SER A 226 27.96 -27.35 15.13
C SER A 226 27.07 -26.82 16.26
N VAL A 227 26.58 -25.59 16.14
CA VAL A 227 25.73 -24.97 17.19
C VAL A 227 24.37 -25.67 17.15
N LYS A 228 23.86 -25.92 15.95
CA LYS A 228 22.53 -26.56 15.72
C LYS A 228 22.50 -27.88 16.52
N LYS A 229 23.60 -28.63 16.53
CA LYS A 229 23.75 -29.92 17.27
C LYS A 229 24.00 -29.71 18.76
N ASN A 230 24.04 -28.46 19.25
CA ASN A 230 24.23 -28.13 20.67
C ASN A 230 23.11 -27.20 21.17
N GLY A 231 21.86 -27.47 20.79
CA GLY A 231 20.69 -26.74 21.29
C GLY A 231 20.73 -26.61 22.79
N TRP A 232 21.09 -27.71 23.48
CA TRP A 232 21.19 -27.73 24.95
C TRP A 232 22.10 -26.59 25.40
N TRP A 233 23.19 -26.35 24.66
CA TRP A 233 24.20 -25.33 25.04
C TRP A 233 23.59 -23.92 24.90
N THR A 234 22.78 -23.69 23.88
CA THR A 234 22.11 -22.38 23.59
C THR A 234 21.08 -22.13 24.69
N ALA A 235 20.33 -23.16 25.09
CA ALA A 235 19.41 -23.04 26.26
C ALA A 235 20.20 -22.77 27.55
N HIS A 236 21.37 -23.40 27.73
CA HIS A 236 22.28 -23.23 28.89
C HIS A 236 22.78 -21.78 28.95
N ALA A 237 23.22 -21.20 27.82
CA ALA A 237 23.82 -19.85 27.79
C ALA A 237 22.74 -18.84 28.15
N GLU A 238 21.54 -19.02 27.61
CA GLU A 238 20.38 -18.18 27.95
C GLU A 238 20.17 -18.18 29.48
N GLN A 239 20.08 -19.36 30.11
CA GLN A 239 19.79 -19.47 31.59
C GLN A 239 20.95 -18.91 32.42
N MET A 240 22.18 -19.29 32.06
CA MET A 240 23.41 -18.82 32.74
C MET A 240 23.40 -17.29 32.79
N LEU A 241 23.15 -16.61 31.65
CA LEU A 241 23.21 -15.13 31.66
C LEU A 241 22.03 -14.58 32.43
N LYS A 242 20.88 -15.24 32.36
CA LYS A 242 19.67 -14.75 33.08
C LYS A 242 19.91 -14.86 34.60
N GLU A 243 20.66 -15.88 35.03
N GLU A 243 20.65 -15.89 35.03
CA GLU A 243 21.04 -16.10 36.46
CA GLU A 243 21.03 -16.07 36.46
C GLU A 243 22.01 -15.01 36.92
C GLU A 243 21.96 -14.94 36.90
N LEU A 244 22.89 -14.53 36.03
CA LEU A 244 23.90 -13.51 36.38
C LEU A 244 23.33 -12.10 36.33
N VAL A 245 22.34 -11.85 35.45
CA VAL A 245 21.87 -10.48 35.12
C VAL A 245 20.35 -10.43 35.23
N PRO A 246 19.78 -9.98 36.38
CA PRO A 246 18.34 -9.90 36.55
C PRO A 246 17.70 -9.18 35.36
N GLY A 247 16.73 -9.82 34.74
CA GLY A 247 15.86 -9.18 33.73
C GLY A 247 16.55 -8.99 32.39
N VAL A 248 17.72 -9.60 32.20
CA VAL A 248 18.46 -9.51 30.90
C VAL A 248 17.56 -10.07 29.81
N ALA A 249 17.68 -9.48 28.61
CA ALA A 249 17.03 -9.99 27.39
C ALA A 249 18.04 -10.83 26.61
N ILE A 250 17.54 -11.81 25.90
CA ILE A 250 18.35 -12.73 25.06
C ILE A 250 17.65 -12.86 23.70
N ASN A 251 18.37 -12.66 22.59
CA ASN A 251 17.75 -12.70 21.24
C ASN A 251 17.55 -14.14 20.74
N SER A 252 16.65 -14.29 19.78
CA SER A 252 16.27 -15.61 19.21
C SER A 252 17.38 -16.23 18.37
N ARG A 253 18.29 -15.43 17.78
CA ARG A 253 19.36 -15.94 16.90
C ARG A 253 20.28 -16.95 17.64
N LEU A 254 20.45 -16.79 18.94
CA LEU A 254 21.26 -17.71 19.78
C LEU A 254 20.69 -19.12 19.64
N ARG A 255 19.36 -19.23 19.65
CA ARG A 255 18.69 -20.45 20.19
C ARG A 255 18.38 -21.47 19.11
N ALA A 256 18.79 -22.71 19.41
CA ALA A 256 18.38 -23.95 18.71
C ALA A 256 17.77 -24.91 19.76
N ASP A 257 16.77 -25.69 19.38
CA ASP A 257 16.05 -26.61 20.32
C ASP A 257 16.70 -27.98 20.23
N ASP A 258 16.10 -28.94 20.93
CA ASP A 258 16.50 -30.39 20.93
C ASP A 258 16.82 -30.85 19.50
N LYS A 259 16.12 -30.35 18.49
CA LYS A 259 16.20 -30.87 17.09
C LYS A 259 17.08 -29.99 16.21
N GLY A 260 17.68 -28.93 16.79
CA GLY A 260 18.50 -27.96 16.05
C GLY A 260 17.69 -27.03 15.17
N LYS A 261 16.42 -26.80 15.53
CA LYS A 261 15.57 -25.78 14.86
C LYS A 261 15.86 -24.46 15.56
N ARG A 262 16.02 -23.39 14.78
CA ARG A 262 16.54 -22.07 15.25
C ARG A 262 15.41 -21.04 15.28
N HIS A 263 15.52 -20.14 16.27
CA HIS A 263 14.67 -18.96 16.53
C HIS A 263 13.35 -19.41 17.15
N PHE A 264 12.56 -20.17 16.41
CA PHE A 264 11.31 -20.83 16.85
C PHE A 264 11.53 -22.36 16.97
N ASP A 265 11.06 -22.93 18.09
CA ASP A 265 11.27 -24.37 18.40
C ASP A 265 10.37 -25.19 17.49
N SER A 266 10.43 -26.52 17.60
CA SER A 266 9.65 -27.45 16.75
C SER A 266 8.15 -27.39 17.12
N ASN A 267 7.76 -26.76 18.23
CA ASN A 267 6.34 -26.44 18.55
C ASN A 267 6.01 -25.01 18.08
N GLY A 268 6.91 -24.41 17.29
CA GLY A 268 6.74 -23.10 16.66
C GLY A 268 6.72 -21.97 17.68
N ARG A 269 7.26 -22.17 18.87
CA ARG A 269 7.23 -21.13 19.92
C ARG A 269 8.53 -20.35 19.80
N LEU A 270 8.47 -19.05 20.05
CA LEU A 270 9.70 -18.22 20.05
C LEU A 270 10.60 -18.58 21.25
N MET A 271 11.85 -18.95 20.94
CA MET A 271 12.96 -19.13 21.90
C MET A 271 13.72 -17.80 22.07
N GLY A 272 14.26 -17.59 23.26
CA GLY A 272 14.74 -16.26 23.66
C GLY A 272 13.60 -15.30 23.92
N ASP A 273 13.92 -14.04 24.10
CA ASP A 273 12.97 -13.03 24.62
C ASP A 273 12.32 -12.27 23.46
N TYR A 274 12.90 -12.31 22.26
CA TYR A 274 12.45 -11.47 21.11
C TYR A 274 13.07 -12.03 19.83
N GLU A 275 12.36 -11.91 18.71
CA GLU A 275 12.81 -12.42 17.39
C GLU A 275 13.78 -11.38 16.82
N SER A 276 14.93 -11.83 16.38
CA SER A 276 16.01 -10.97 15.81
C SER A 276 16.43 -11.53 14.45
N GLY A 277 15.52 -12.12 13.68
CA GLY A 277 15.77 -12.64 12.33
C GLY A 277 15.59 -11.61 11.22
N TYR A 278 15.15 -10.37 11.53
CA TYR A 278 14.85 -9.31 10.53
C TYR A 278 16.07 -8.40 10.38
N GLU A 279 16.74 -8.44 9.21
CA GLU A 279 17.83 -7.51 8.81
C GLU A 279 17.67 -7.15 7.34
N ARG A 280 17.33 -5.89 7.08
CA ARG A 280 17.41 -5.26 5.74
C ARG A 280 16.27 -5.81 4.85
N ARG A 281 15.17 -6.31 5.44
CA ARG A 281 13.81 -6.42 4.83
C ARG A 281 12.76 -6.65 5.94
N LEU A 282 12.07 -5.57 6.31
CA LEU A 282 11.10 -5.54 7.44
C LEU A 282 9.84 -6.30 7.08
N PRO A 283 9.04 -6.69 8.09
CA PRO A 283 7.78 -7.38 7.82
C PRO A 283 6.85 -6.56 6.91
N ASP A 284 6.15 -7.23 5.98
CA ASP A 284 5.15 -6.56 5.09
C ASP A 284 3.97 -6.06 5.93
N PRO A 285 3.62 -4.74 5.90
CA PRO A 285 2.59 -4.22 6.77
C PRO A 285 1.15 -4.75 6.61
N VAL A 286 0.89 -5.51 5.55
CA VAL A 286 -0.44 -6.16 5.29
C VAL A 286 -0.32 -7.68 5.50
N LYS A 287 0.75 -8.28 5.00
CA LYS A 287 0.84 -9.75 4.92
C LYS A 287 1.52 -10.39 6.14
N ASP A 288 2.18 -9.63 7.04
CA ASP A 288 3.07 -10.20 8.08
C ASP A 288 2.62 -9.73 9.48
N LEU A 289 1.33 -9.48 9.66
CA LEU A 289 0.76 -9.01 10.94
C LEU A 289 1.01 -10.06 12.04
N LYS A 290 1.41 -11.29 11.67
CA LYS A 290 1.79 -12.36 12.65
C LYS A 290 2.85 -11.82 13.64
N VAL A 291 3.71 -10.91 13.23
CA VAL A 291 4.86 -10.46 14.07
C VAL A 291 4.38 -9.68 15.29
N THR A 292 3.17 -9.15 15.28
CA THR A 292 2.63 -8.34 16.39
C THR A 292 2.40 -9.23 17.62
N GLN A 293 2.47 -10.56 17.47
CA GLN A 293 2.18 -11.53 18.57
C GLN A 293 3.38 -11.74 19.50
N TRP A 294 4.56 -11.24 19.18
CA TRP A 294 5.80 -11.46 19.97
C TRP A 294 6.66 -10.22 19.87
N ASP A 295 7.60 -10.06 20.79
CA ASP A 295 8.60 -8.98 20.73
C ASP A 295 9.55 -9.30 19.58
N TRP A 296 10.03 -8.25 18.93
CA TRP A 296 11.01 -8.44 17.84
C TRP A 296 11.81 -7.16 17.62
N GLU A 297 13.00 -7.32 17.05
CA GLU A 297 14.00 -6.24 16.85
C GLU A 297 14.63 -6.43 15.47
N ALA A 298 14.54 -5.38 14.67
CA ALA A 298 15.22 -5.31 13.37
C ALA A 298 16.50 -4.48 13.53
N CYS A 299 17.55 -4.87 12.83
N CYS A 299 17.51 -4.82 12.75
CA CYS A 299 18.77 -4.05 12.74
CA CYS A 299 18.84 -4.16 12.74
C CYS A 299 18.91 -3.64 11.28
C CYS A 299 19.19 -3.80 11.29
N MET A 300 19.63 -2.58 11.03
CA MET A 300 19.79 -2.11 9.63
C MET A 300 21.13 -1.38 9.49
N THR A 301 21.64 -1.41 8.26
CA THR A 301 22.88 -0.69 7.83
C THR A 301 22.45 0.56 7.10
N ILE A 302 23.32 1.56 7.06
CA ILE A 302 23.07 2.78 6.25
C ILE A 302 23.37 2.50 4.80
N PRO A 303 24.58 1.99 4.43
CA PRO A 303 24.78 1.42 3.11
C PRO A 303 23.97 0.12 2.99
N GLU A 304 24.01 -0.51 1.82
CA GLU A 304 23.20 -1.72 1.55
C GLU A 304 23.64 -2.84 2.52
N ASN A 305 24.95 -3.04 2.76
CA ASN A 305 25.44 -4.21 3.55
C ASN A 305 26.89 -3.96 3.98
N GLN A 306 27.08 -2.95 4.79
CA GLN A 306 28.34 -2.61 5.51
C GLN A 306 28.00 -2.36 6.99
N TRP A 307 28.56 -3.18 7.90
CA TRP A 307 28.34 -2.97 9.35
C TRP A 307 29.58 -2.29 9.96
N GLY A 308 30.71 -2.90 9.77
CA GLY A 308 31.99 -2.34 10.19
C GLY A 308 32.39 -1.25 9.19
N TYR A 309 33.31 -0.39 9.58
CA TYR A 309 33.86 0.70 8.70
C TYR A 309 34.38 0.13 7.39
N HIS A 310 33.81 0.64 6.29
CA HIS A 310 34.30 0.44 4.90
C HIS A 310 34.67 1.82 4.35
N LYS A 311 35.87 1.92 3.80
CA LYS A 311 36.46 3.21 3.34
C LYS A 311 35.67 3.79 2.16
N ASP A 312 34.98 2.96 1.35
CA ASP A 312 34.39 3.39 0.06
C ASP A 312 32.89 3.06 0.00
N TRP A 313 32.06 3.98 0.48
CA TRP A 313 30.57 3.96 0.47
C TRP A 313 29.98 4.36 -0.88
N SER A 314 30.80 4.49 -1.92
CA SER A 314 30.34 4.80 -3.29
C SER A 314 29.90 3.48 -3.92
N LEU A 315 30.25 2.35 -3.30
CA LEU A 315 30.15 0.99 -3.90
C LEU A 315 28.71 0.45 -3.86
N SER A 316 27.86 0.95 -2.97
CA SER A 316 26.46 0.46 -2.83
C SER A 316 25.60 1.66 -2.49
N TYR A 317 24.28 1.49 -2.51
CA TYR A 317 23.36 2.59 -2.17
C TYR A 317 23.46 2.91 -0.69
N VAL A 318 23.45 4.20 -0.40
CA VAL A 318 23.57 4.79 0.96
C VAL A 318 22.26 5.50 1.35
N LYS A 319 21.59 5.02 2.40
CA LYS A 319 20.28 5.55 2.83
C LYS A 319 20.36 6.98 3.34
N THR A 320 19.35 7.76 2.98
CA THR A 320 19.08 9.08 3.55
C THR A 320 18.39 8.94 4.88
N PRO A 321 18.55 9.98 5.72
CA PRO A 321 17.84 10.09 6.99
C PRO A 321 16.33 9.74 6.96
N ILE A 322 15.61 10.26 5.98
CA ILE A 322 14.16 9.94 5.89
C ILE A 322 13.97 8.45 5.57
N GLU A 323 14.83 7.85 4.73
CA GLU A 323 14.72 6.41 4.37
C GLU A 323 14.91 5.62 5.67
N VAL A 324 15.80 6.10 6.55
CA VAL A 324 16.07 5.44 7.85
C VAL A 324 14.88 5.67 8.80
N ILE A 325 14.39 6.89 8.95
CA ILE A 325 13.21 7.22 9.80
C ILE A 325 11.98 6.42 9.32
N ASP A 326 11.81 6.24 8.03
CA ASP A 326 10.70 5.39 7.52
C ASP A 326 10.81 3.99 8.13
N ARG A 327 11.99 3.40 8.11
CA ARG A 327 12.19 2.02 8.62
C ARG A 327 12.00 1.96 10.16
N ILE A 328 12.45 2.99 10.91
CA ILE A 328 12.19 3.07 12.39
C ILE A 328 10.68 3.07 12.66
N VAL A 329 9.93 3.90 11.93
CA VAL A 329 8.49 4.01 12.24
C VAL A 329 7.78 2.72 11.80
N HIS A 330 8.23 2.15 10.69
CA HIS A 330 7.68 0.89 10.13
C HIS A 330 7.77 -0.17 11.24
N ALA A 331 8.94 -0.34 11.80
CA ALA A 331 9.17 -1.33 12.89
C ALA A 331 8.17 -1.13 14.02
N VAL A 332 8.09 0.09 14.55
CA VAL A 332 7.26 0.39 15.74
C VAL A 332 5.80 0.12 15.39
N SER A 333 5.38 0.55 14.18
CA SER A 333 4.00 0.32 13.64
C SER A 333 3.62 -1.16 13.70
N MET A 334 4.58 -2.07 13.69
CA MET A 334 4.28 -3.53 13.70
C MET A 334 4.82 -4.18 14.98
N GLY A 335 5.00 -3.38 16.03
CA GLY A 335 5.30 -3.91 17.37
C GLY A 335 6.76 -4.24 17.56
N GLY A 336 7.67 -3.69 16.75
CA GLY A 336 9.10 -4.01 16.81
C GLY A 336 10.00 -2.83 17.11
N ASN A 337 11.21 -3.14 17.56
CA ASN A 337 12.32 -2.18 17.79
C ASN A 337 13.10 -2.04 16.48
N MET A 338 13.79 -0.93 16.34
CA MET A 338 14.73 -0.76 15.21
C MET A 338 16.05 -0.24 15.74
N VAL A 339 17.14 -0.81 15.25
CA VAL A 339 18.56 -0.49 15.58
C VAL A 339 19.27 -0.09 14.28
N VAL A 340 19.83 1.13 14.30
CA VAL A 340 20.57 1.80 13.19
C VAL A 340 22.05 1.61 13.47
N ASN A 341 22.75 0.98 12.54
CA ASN A 341 24.16 0.61 12.68
C ASN A 341 25.09 1.78 12.35
N PHE A 342 26.17 1.86 13.08
CA PHE A 342 27.33 2.75 12.86
C PHE A 342 28.58 1.89 12.89
N GLY A 343 29.53 2.15 11.97
CA GLY A 343 30.85 1.52 11.94
C GLY A 343 31.92 2.58 12.11
N PRO A 344 32.32 2.86 13.36
CA PRO A 344 33.36 3.86 13.67
C PRO A 344 34.67 3.67 12.95
N GLN A 345 35.35 4.81 12.72
CA GLN A 345 36.66 4.83 12.03
C GLN A 345 37.72 4.17 12.91
N ALA A 346 38.80 3.68 12.31
CA ALA A 346 39.94 3.10 13.08
C ALA A 346 40.43 4.13 14.12
N ASP A 347 40.38 5.43 13.85
CA ASP A 347 40.93 6.48 14.75
C ASP A 347 39.97 6.75 15.91
N GLY A 348 38.75 6.21 15.92
CA GLY A 348 37.81 6.44 17.04
C GLY A 348 36.83 7.58 16.80
N ASP A 349 36.82 8.16 15.61
CA ASP A 349 35.80 9.19 15.25
C ASP A 349 34.79 8.50 14.32
N PHE A 350 33.67 9.19 14.05
CA PHE A 350 32.59 8.77 13.13
C PHE A 350 32.78 9.52 11.81
N ARG A 351 32.58 8.81 10.71
CA ARG A 351 32.65 9.41 9.35
C ARG A 351 31.61 10.50 9.21
N PRO A 352 31.79 11.47 8.28
CA PRO A 352 30.85 12.59 8.15
C PRO A 352 29.40 12.11 7.90
N GLU A 353 29.22 11.12 7.02
CA GLU A 353 27.88 10.59 6.62
C GLU A 353 27.18 10.12 7.90
N GLU A 354 27.93 9.48 8.81
CA GLU A 354 27.29 8.92 10.04
C GLU A 354 26.98 10.05 11.00
N LYS A 355 27.80 11.10 11.11
CA LYS A 355 27.44 12.25 11.99
C LYS A 355 26.17 12.94 11.47
N ALA A 356 26.06 13.13 10.14
CA ALA A 356 24.91 13.78 9.48
C ALA A 356 23.65 12.94 9.75
N MET A 357 23.76 11.62 9.67
CA MET A 357 22.63 10.69 9.90
C MET A 357 22.12 10.85 11.33
N ALA A 358 23.00 10.76 12.34
CA ALA A 358 22.59 10.79 13.76
C ALA A 358 21.99 12.15 14.09
N THR A 359 22.60 13.23 13.56
CA THR A 359 22.07 14.60 13.72
C THR A 359 20.66 14.68 13.12
N ALA A 360 20.46 14.21 11.88
CA ALA A 360 19.17 14.33 11.17
C ALA A 360 18.11 13.49 11.92
N ILE A 361 18.45 12.26 12.29
CA ILE A 361 17.47 11.39 13.04
C ILE A 361 17.10 12.11 14.33
N GLY A 362 18.10 12.67 15.02
CA GLY A 362 17.88 13.33 16.31
C GLY A 362 16.97 14.54 16.24
N LYS A 363 17.08 15.40 15.21
CA LYS A 363 16.15 16.55 15.04
C LYS A 363 14.73 16.01 14.88
N TRP A 364 14.56 14.95 14.10
CA TRP A 364 13.21 14.39 13.80
C TRP A 364 12.62 13.74 15.07
N MET A 365 13.39 12.89 15.77
CA MET A 365 12.96 12.24 17.05
C MET A 365 12.61 13.29 18.13
N ASN A 366 13.32 14.41 18.20
CA ASN A 366 12.99 15.45 19.23
C ASN A 366 11.57 16.01 19.00
N ARG A 367 11.15 16.15 17.75
CA ARG A 367 9.82 16.70 17.35
C ARG A 367 8.73 15.64 17.47
N TYR A 368 9.00 14.43 16.97
CA TYR A 368 7.99 13.39 16.61
C TYR A 368 8.16 12.10 17.40
N GLY A 369 9.15 12.04 18.30
CA GLY A 369 9.46 10.85 19.09
C GLY A 369 8.29 10.32 19.90
N LYS A 370 7.29 11.14 20.23
CA LYS A 370 6.13 10.69 21.05
C LYS A 370 5.36 9.55 20.35
N ALA A 371 5.44 9.46 19.02
CA ALA A 371 4.77 8.41 18.21
C ALA A 371 5.69 7.21 17.96
N VAL A 372 6.90 7.21 18.53
CA VAL A 372 7.89 6.09 18.45
C VAL A 372 8.09 5.51 19.84
N TYR A 373 8.63 6.30 20.80
CA TYR A 373 8.98 5.80 22.14
C TYR A 373 7.71 5.27 22.80
N ALA A 374 7.76 4.05 23.33
CA ALA A 374 6.69 3.43 24.13
C ALA A 374 5.43 3.17 23.29
N CYS A 375 5.54 3.19 21.96
CA CYS A 375 4.38 2.97 21.06
C CYS A 375 4.41 1.55 20.52
N ASP A 376 3.39 1.17 19.78
CA ASP A 376 3.12 -0.24 19.41
C ASP A 376 2.09 -0.27 18.28
N TYR A 377 1.81 -1.49 17.82
CA TYR A 377 0.79 -1.79 16.77
C TYR A 377 -0.59 -1.24 17.18
N ALA A 378 -1.20 -0.49 16.27
CA ALA A 378 -2.51 0.17 16.44
C ALA A 378 -3.71 -0.71 16.02
N GLY A 379 -3.54 -1.75 15.20
CA GLY A 379 -4.66 -2.59 14.74
C GLY A 379 -5.52 -1.94 13.67
N PHE A 380 -5.03 -0.89 13.01
CA PHE A 380 -5.69 -0.24 11.85
C PHE A 380 -5.11 -0.76 10.51
N GLU A 381 -5.95 -0.82 9.48
CA GLU A 381 -5.51 -1.22 8.12
C GLU A 381 -4.49 -0.20 7.60
N LYS A 382 -3.34 -0.63 7.09
CA LYS A 382 -2.28 0.26 6.51
C LYS A 382 -2.88 1.09 5.35
N GLN A 383 -2.59 2.38 5.36
CA GLN A 383 -2.88 3.32 4.25
C GLN A 383 -1.57 3.83 3.61
N ASP A 384 -1.71 4.37 2.39
CA ASP A 384 -0.56 4.75 1.53
C ASP A 384 0.24 5.91 2.11
N TRP A 385 -0.35 6.77 2.95
CA TRP A 385 0.29 8.03 3.42
C TRP A 385 1.41 7.74 4.42
N GLY A 386 1.39 6.57 5.10
CA GLY A 386 2.41 6.31 6.11
C GLY A 386 1.93 5.28 7.08
N TYR A 387 2.20 5.46 8.35
CA TYR A 387 2.06 4.37 9.33
C TYR A 387 1.16 4.85 10.46
N TYR A 388 0.47 3.91 11.11
CA TYR A 388 -0.10 4.19 12.45
C TYR A 388 0.78 3.66 13.57
N THR A 389 0.85 4.36 14.71
CA THR A 389 1.36 3.74 15.96
C THR A 389 0.39 4.05 17.09
N ARG A 390 0.43 3.25 18.15
CA ARG A 390 -0.47 3.34 19.30
C ARG A 390 0.32 3.63 20.57
N GLY A 391 -0.14 4.62 21.33
CA GLY A 391 0.54 5.07 22.57
C GLY A 391 0.02 4.27 23.76
N LYS A 392 0.56 4.49 24.95
CA LYS A 392 0.14 3.68 26.13
C LYS A 392 -1.30 4.03 26.57
N ASN A 393 -1.81 5.21 26.24
CA ASN A 393 -3.17 5.61 26.70
C ASN A 393 -4.10 5.76 25.48
N ASP A 394 -3.93 4.86 24.51
CA ASP A 394 -4.83 4.61 23.34
C ASP A 394 -4.78 5.80 22.37
N GLU A 395 -3.81 6.70 22.52
CA GLU A 395 -3.43 7.66 21.44
C GLU A 395 -3.22 6.81 20.19
N VAL A 396 -3.76 7.23 19.06
CA VAL A 396 -3.38 6.67 17.74
C VAL A 396 -2.69 7.77 16.96
N TYR A 397 -1.41 7.57 16.65
CA TYR A 397 -0.60 8.52 15.84
C TYR A 397 -0.61 8.10 14.38
N MET A 398 -0.90 9.07 13.52
CA MET A 398 -0.62 8.96 12.08
C MET A 398 0.75 9.57 11.75
N VAL A 399 1.66 8.77 11.20
CA VAL A 399 3.00 9.23 10.79
C VAL A 399 3.01 9.29 9.28
N VAL A 400 2.89 10.50 8.76
CA VAL A 400 2.74 10.78 7.31
C VAL A 400 4.11 10.95 6.65
N PHE A 401 4.42 10.05 5.72
CA PHE A 401 5.64 10.05 4.88
C PHE A 401 5.30 10.45 3.44
N ASN A 402 4.07 10.18 3.01
CA ASN A 402 3.65 10.44 1.60
C ASN A 402 2.43 11.36 1.63
N GLN A 403 2.64 12.61 1.20
CA GLN A 403 1.68 13.72 1.40
C GLN A 403 0.69 13.67 0.24
N PRO A 404 -0.60 13.38 0.46
CA PRO A 404 -1.53 13.31 -0.68
C PRO A 404 -1.85 14.72 -1.22
N TYR A 405 -1.78 14.86 -2.53
CA TYR A 405 -2.22 16.05 -3.31
C TYR A 405 -3.72 16.34 -3.05
N SER A 406 -4.48 15.31 -2.65
CA SER A 406 -5.91 15.41 -2.26
C SER A 406 -6.12 16.25 -0.99
N GLU A 407 -5.11 16.39 -0.11
CA GLU A 407 -5.15 17.12 1.17
C GLU A 407 -6.02 16.35 2.18
N ARG A 408 -6.29 15.07 1.91
CA ARG A 408 -7.10 14.21 2.77
C ARG A 408 -6.31 12.92 3.01
N LEU A 409 -6.17 12.57 4.29
CA LEU A 409 -5.51 11.33 4.76
C LEU A 409 -6.63 10.32 5.06
N ILE A 410 -6.69 9.25 4.29
CA ILE A 410 -7.78 8.27 4.48
C ILE A 410 -7.49 7.51 5.76
N VAL A 411 -8.47 7.38 6.63
CA VAL A 411 -8.41 6.53 7.84
C VAL A 411 -9.59 5.57 7.83
N LYS A 412 -9.31 4.27 7.68
CA LYS A 412 -10.36 3.22 7.80
C LYS A 412 -10.24 2.64 9.21
N THR A 413 -11.32 2.67 9.99
CA THR A 413 -11.29 2.28 11.42
C THR A 413 -11.74 0.83 11.54
N PRO A 414 -11.17 0.05 12.48
CA PRO A 414 -11.70 -1.29 12.77
C PRO A 414 -13.16 -1.21 13.24
N LYS A 415 -13.87 -2.33 13.12
CA LYS A 415 -15.25 -2.49 13.67
C LYS A 415 -15.30 -1.85 15.05
N GLY A 416 -16.31 -0.99 15.28
CA GLY A 416 -16.59 -0.39 16.60
C GLY A 416 -15.67 0.75 16.99
N ILE A 417 -14.72 1.16 16.15
CA ILE A 417 -13.81 2.28 16.47
C ILE A 417 -14.25 3.53 15.69
N THR A 418 -14.41 4.66 16.38
CA THR A 418 -14.69 6.00 15.78
C THR A 418 -13.55 6.94 16.12
N VAL A 419 -13.31 7.92 15.24
CA VAL A 419 -12.34 9.04 15.44
C VAL A 419 -13.12 10.25 15.95
N GLU A 420 -12.75 10.75 17.12
CA GLU A 420 -13.46 11.86 17.82
C GLU A 420 -12.73 13.19 17.57
N LYS A 421 -11.40 13.18 17.37
CA LYS A 421 -10.57 14.39 17.14
C LYS A 421 -9.26 14.02 16.42
N ALA A 422 -8.67 14.97 15.68
CA ALA A 422 -7.29 14.93 15.14
C ALA A 422 -6.56 16.24 15.51
N THR A 423 -5.27 16.14 15.86
CA THR A 423 -4.42 17.28 16.32
C THR A 423 -3.02 17.18 15.69
N LEU A 424 -2.47 18.26 15.12
CA LEU A 424 -1.09 18.24 14.56
C LEU A 424 -0.18 18.21 15.78
N LEU A 425 0.65 17.18 15.91
CA LEU A 425 1.31 16.92 17.22
C LEU A 425 2.17 18.14 17.61
N THR A 426 2.95 18.70 16.67
CA THR A 426 4.01 19.70 16.99
C THR A 426 3.41 21.09 17.27
N THR A 427 2.24 21.43 16.72
CA THR A 427 1.60 22.77 16.90
C THR A 427 0.37 22.74 17.81
N GLY A 428 -0.26 21.58 18.05
CA GLY A 428 -1.50 21.46 18.84
C GLY A 428 -2.76 21.88 18.07
N GLU A 429 -2.60 22.27 16.80
CA GLU A 429 -3.68 22.80 15.91
C GLU A 429 -4.68 21.68 15.61
N ASP A 430 -5.97 21.97 15.80
CA ASP A 430 -7.08 21.02 15.50
C ASP A 430 -7.15 20.77 13.99
N ILE A 431 -7.40 19.51 13.63
CA ILE A 431 -7.37 19.00 12.23
C ILE A 431 -8.76 18.48 11.87
N THR A 432 -9.29 18.90 10.72
CA THR A 432 -10.66 18.53 10.30
C THR A 432 -10.73 17.02 10.02
N VAL A 433 -11.73 16.36 10.58
CA VAL A 433 -12.07 14.93 10.38
C VAL A 433 -13.50 14.86 9.82
N VAL A 434 -13.64 14.22 8.66
CA VAL A 434 -14.93 14.10 7.91
C VAL A 434 -15.20 12.61 7.67
N GLU A 435 -16.37 12.15 8.08
CA GLU A 435 -16.86 10.78 7.76
C GLU A 435 -17.17 10.74 6.26
N THR A 436 -16.68 9.72 5.55
CA THR A 436 -16.88 9.59 4.09
C THR A 436 -17.78 8.40 3.72
N THR A 437 -17.75 7.33 4.52
CA THR A 437 -18.61 6.12 4.44
C THR A 437 -18.54 5.43 5.80
N ARG A 438 -19.15 4.25 5.95
CA ARG A 438 -19.08 3.50 7.23
C ARG A 438 -17.60 3.16 7.47
N ASN A 439 -17.07 3.48 8.64
CA ASN A 439 -15.72 3.10 9.10
C ASN A 439 -14.64 3.77 8.23
N GLU A 440 -14.97 4.82 7.47
CA GLU A 440 -13.91 5.57 6.78
C GLU A 440 -14.04 7.07 7.05
N TYR A 441 -12.91 7.75 7.23
CA TYR A 441 -12.80 9.21 7.42
C TYR A 441 -11.79 9.76 6.43
N ASN A 442 -11.92 11.03 6.08
CA ASN A 442 -10.82 11.89 5.58
C ASN A 442 -10.28 12.73 6.74
N VAL A 443 -9.01 12.60 7.06
CA VAL A 443 -8.35 13.52 8.02
C VAL A 443 -7.60 14.57 7.19
N SER A 444 -7.88 15.85 7.39
CA SER A 444 -7.25 16.92 6.60
C SER A 444 -5.73 16.96 6.86
N VAL A 445 -4.93 17.23 5.83
CA VAL A 445 -3.47 17.59 5.97
C VAL A 445 -3.43 18.96 6.61
N PRO A 446 -2.35 19.30 7.34
CA PRO A 446 -2.19 20.66 7.88
C PRO A 446 -2.36 21.75 6.81
N LYS A 447 -2.87 22.91 7.21
CA LYS A 447 -2.98 24.14 6.36
C LYS A 447 -1.60 24.48 5.77
N LYS A 448 -0.53 24.36 6.55
CA LYS A 448 0.86 24.54 6.02
C LYS A 448 1.60 23.21 5.97
N ASN A 449 2.10 22.82 4.80
CA ASN A 449 2.89 21.58 4.57
C ASN A 449 4.08 21.58 5.54
N PRO A 450 4.11 20.69 6.56
CA PRO A 450 5.25 20.55 7.48
C PRO A 450 6.65 20.39 6.83
N GLY A 451 6.71 19.96 5.58
CA GLY A 451 7.93 19.86 4.77
C GLY A 451 8.85 18.74 5.23
N GLU A 452 8.33 17.82 6.04
CA GLU A 452 9.05 16.57 6.36
C GLU A 452 8.01 15.58 6.86
N PRO A 453 8.38 14.31 7.14
CA PRO A 453 7.41 13.40 7.76
C PRO A 453 6.91 13.96 9.09
N TYR A 454 5.61 13.86 9.33
CA TYR A 454 4.93 14.53 10.47
C TYR A 454 3.86 13.62 11.10
N VAL A 455 3.35 14.06 12.24
CA VAL A 455 2.45 13.27 13.12
C VAL A 455 1.14 14.04 13.33
N ILE A 456 0.02 13.37 13.06
CA ILE A 456 -1.31 13.79 13.53
C ILE A 456 -1.75 12.79 14.60
N GLN A 457 -2.12 13.28 15.78
CA GLN A 457 -2.57 12.44 16.91
C GLN A 457 -4.09 12.32 16.86
N LEU A 458 -4.60 11.08 16.79
CA LEU A 458 -6.06 10.82 16.84
C LEU A 458 -6.52 10.51 18.27
N LYS A 459 -7.67 11.08 18.66
CA LYS A 459 -8.50 10.54 19.77
C LYS A 459 -9.54 9.61 19.16
N VAL A 460 -9.61 8.37 19.63
CA VAL A 460 -10.55 7.34 19.11
C VAL A 460 -11.36 6.79 20.26
N ARG A 461 -12.50 6.17 19.95
CA ARG A 461 -13.44 5.52 20.90
C ARG A 461 -13.73 4.09 20.46
N ALA A 462 -13.70 3.16 21.42
CA ALA A 462 -14.18 1.77 21.27
C ALA A 462 -15.61 1.69 21.77
N ALA A 463 -16.54 1.23 20.94
CA ALA A 463 -17.92 0.89 21.33
C ALA A 463 -17.86 -0.30 22.30
N LYS A 464 -18.60 -0.26 23.42
CA LYS A 464 -18.55 -1.28 24.50
C LYS A 464 -19.31 -2.55 24.07
N ILE B 27 -18.51 -27.44 -18.10
CA ILE B 27 -19.99 -27.64 -18.10
C ILE B 27 -20.53 -27.16 -19.44
N PRO B 28 -21.27 -28.01 -20.21
CA PRO B 28 -21.77 -27.61 -21.52
C PRO B 28 -22.79 -26.48 -21.37
N LEU B 29 -22.60 -25.37 -22.10
CA LEU B 29 -23.48 -24.17 -22.02
C LEU B 29 -23.87 -23.74 -23.45
N LYS B 30 -25.14 -23.41 -23.65
CA LYS B 30 -25.66 -22.75 -24.89
C LYS B 30 -25.68 -21.23 -24.71
N TYR B 31 -25.78 -20.73 -23.48
CA TYR B 31 -25.96 -19.27 -23.25
C TYR B 31 -24.86 -18.70 -22.34
N GLY B 32 -23.66 -19.30 -22.36
CA GLY B 32 -22.45 -18.81 -21.64
C GLY B 32 -21.66 -17.84 -22.49
N ALA B 33 -20.37 -17.62 -22.16
CA ALA B 33 -19.48 -16.60 -22.76
C ALA B 33 -19.38 -16.81 -24.28
N THR B 34 -19.25 -15.72 -25.02
CA THR B 34 -19.14 -15.70 -26.50
C THR B 34 -17.72 -15.26 -26.91
N ASN B 35 -17.02 -14.55 -26.02
CA ASN B 35 -15.60 -14.13 -26.19
C ASN B 35 -14.69 -15.15 -25.48
N GLU B 36 -13.56 -15.47 -26.12
CA GLU B 36 -12.37 -16.10 -25.48
C GLU B 36 -11.41 -14.95 -25.24
N GLY B 37 -11.17 -14.60 -23.97
CA GLY B 37 -10.39 -13.41 -23.60
C GLY B 37 -10.96 -12.12 -24.18
N LYS B 38 -10.12 -11.11 -24.35
CA LYS B 38 -10.51 -9.74 -24.72
C LYS B 38 -10.78 -9.64 -26.23
N ARG B 39 -11.88 -9.01 -26.65
CA ARG B 39 -12.03 -8.61 -28.07
C ARG B 39 -10.87 -7.69 -28.45
N GLN B 40 -10.37 -7.77 -29.70
CA GLN B 40 -9.27 -6.87 -30.17
C GLN B 40 -9.60 -6.27 -31.56
N ASP B 41 -10.89 -6.25 -31.94
CA ASP B 41 -11.43 -5.47 -33.08
C ASP B 41 -11.33 -3.98 -32.74
N PRO B 42 -11.19 -3.10 -33.76
CA PRO B 42 -11.01 -1.66 -33.54
C PRO B 42 -12.05 -1.02 -32.62
N ALA B 43 -13.29 -1.53 -32.66
CA ALA B 43 -14.45 -0.99 -31.93
C ALA B 43 -14.21 -1.22 -30.43
N MET B 44 -13.79 -2.42 -30.04
CA MET B 44 -13.44 -2.71 -28.62
C MET B 44 -12.15 -1.98 -28.21
N GLN B 45 -11.15 -1.88 -29.09
CA GLN B 45 -9.91 -1.12 -28.79
C GLN B 45 -10.21 0.35 -28.53
N LYS B 46 -11.21 0.90 -29.24
CA LYS B 46 -11.71 2.27 -29.06
C LYS B 46 -12.39 2.36 -27.68
N PHE B 47 -13.27 1.40 -27.38
CA PHE B 47 -14.02 1.31 -26.11
C PHE B 47 -13.02 1.37 -24.95
N ARG B 48 -11.95 0.61 -25.10
CA ARG B 48 -10.88 0.46 -24.08
C ARG B 48 -9.97 1.70 -24.06
N ASP B 49 -9.50 2.20 -25.22
CA ASP B 49 -8.59 3.37 -25.26
C ASP B 49 -9.29 4.61 -24.69
N ASN B 50 -10.61 4.78 -24.89
CA ASN B 50 -11.36 5.94 -24.39
C ASN B 50 -11.04 6.14 -22.91
N ARG B 51 -11.12 5.04 -22.15
CA ARG B 51 -10.84 4.89 -20.68
C ARG B 51 -11.75 5.77 -19.81
N LEU B 52 -11.92 7.07 -20.08
CA LEU B 52 -12.67 8.02 -19.22
C LEU B 52 -14.02 8.34 -19.85
N GLY B 53 -15.08 7.95 -19.13
CA GLY B 53 -16.49 8.14 -19.48
C GLY B 53 -17.18 9.11 -18.54
N ALA B 54 -18.31 9.65 -19.01
CA ALA B 54 -19.33 10.32 -18.20
C ALA B 54 -20.61 9.49 -18.28
N PHE B 55 -21.33 9.45 -17.17
CA PHE B 55 -22.70 8.95 -17.10
C PHE B 55 -23.63 10.17 -17.04
N ILE B 56 -24.77 10.06 -17.71
CA ILE B 56 -25.90 10.99 -17.51
C ILE B 56 -27.12 10.19 -17.00
N HIS B 57 -27.56 10.49 -15.78
CA HIS B 57 -28.86 10.05 -15.25
C HIS B 57 -29.80 11.24 -15.39
N TRP B 58 -30.74 11.17 -16.33
CA TRP B 58 -31.72 12.26 -16.54
C TRP B 58 -33.06 11.58 -16.81
N GLY B 59 -34.04 11.90 -16.00
CA GLY B 59 -35.43 11.43 -16.18
C GLY B 59 -36.33 12.20 -15.24
N LEU B 60 -37.55 11.71 -15.01
CA LEU B 60 -38.57 12.49 -14.27
C LEU B 60 -38.12 12.73 -12.82
N TYR B 61 -37.29 11.84 -12.27
CA TYR B 61 -36.75 11.98 -10.89
C TYR B 61 -36.03 13.32 -10.70
N ALA B 62 -35.57 13.97 -11.79
CA ALA B 62 -34.84 15.24 -11.69
C ALA B 62 -35.78 16.35 -11.19
N ILE B 63 -37.09 16.21 -11.43
CA ILE B 63 -38.10 17.25 -11.07
C ILE B 63 -38.27 17.27 -9.54
N PRO B 64 -38.67 16.18 -8.85
CA PRO B 64 -38.74 16.23 -7.39
C PRO B 64 -37.38 16.32 -6.66
N GLY B 65 -36.30 15.90 -7.31
CA GLY B 65 -34.94 15.92 -6.76
C GLY B 65 -34.83 15.30 -5.36
N GLY B 66 -35.47 14.13 -5.14
CA GLY B 66 -35.36 13.39 -3.86
C GLY B 66 -36.35 13.84 -2.79
N GLU B 67 -37.24 14.78 -3.12
CA GLU B 67 -38.31 15.24 -2.18
C GLU B 67 -39.69 14.83 -2.71
N TRP B 68 -40.53 14.26 -1.85
CA TRP B 68 -41.93 13.88 -2.19
C TRP B 68 -42.88 14.20 -1.02
N ASN B 69 -43.89 15.04 -1.28
CA ASN B 69 -44.88 15.55 -0.30
C ASN B 69 -44.19 16.01 0.98
N GLY B 70 -43.21 16.91 0.85
CA GLY B 70 -42.62 17.69 1.96
C GLY B 70 -41.65 16.88 2.79
N LYS B 71 -41.22 15.72 2.31
CA LYS B 71 -40.13 14.94 2.95
C LYS B 71 -39.02 14.72 1.92
N VAL B 72 -37.81 15.20 2.24
CA VAL B 72 -36.55 14.91 1.49
C VAL B 72 -36.10 13.50 1.87
N TYR B 73 -35.99 12.60 0.91
CA TYR B 73 -35.50 11.22 1.11
C TYR B 73 -33.98 11.19 0.87
N GLY B 74 -33.23 10.54 1.77
CA GLY B 74 -31.77 10.42 1.72
C GLY B 74 -31.30 9.37 0.73
N GLY B 75 -32.19 8.50 0.22
CA GLY B 75 -31.82 7.43 -0.72
C GLY B 75 -31.56 8.01 -2.10
N ALA B 76 -31.08 7.19 -3.04
CA ALA B 76 -30.71 7.66 -4.39
C ALA B 76 -31.96 8.27 -5.03
N ALA B 77 -31.84 9.51 -5.52
CA ALA B 77 -32.98 10.31 -6.03
C ALA B 77 -33.68 9.62 -7.21
N GLU B 78 -32.96 8.84 -8.02
CA GLU B 78 -33.59 8.18 -9.19
C GLU B 78 -34.46 7.00 -8.74
N TRP B 79 -34.39 6.60 -7.48
CA TRP B 79 -35.24 5.55 -6.87
C TRP B 79 -36.35 6.18 -6.01
N LEU B 80 -36.57 7.49 -6.12
CA LEU B 80 -37.55 8.19 -5.23
C LEU B 80 -38.92 7.50 -5.35
N LYS B 81 -39.28 7.03 -6.55
CA LYS B 81 -40.62 6.42 -6.77
C LYS B 81 -40.78 5.27 -5.76
N SER B 82 -39.72 4.48 -5.58
CA SER B 82 -39.67 3.30 -4.67
C SER B 82 -39.64 3.78 -3.22
N TRP B 83 -38.83 4.81 -2.91
CA TRP B 83 -38.65 5.30 -1.52
C TRP B 83 -39.99 5.85 -1.02
N ALA B 84 -40.65 6.67 -1.81
CA ALA B 84 -41.90 7.34 -1.39
C ALA B 84 -43.12 6.47 -1.78
N LYS B 85 -42.91 5.25 -2.26
CA LYS B 85 -44.00 4.32 -2.68
C LYS B 85 -45.01 5.06 -3.59
N VAL B 86 -44.53 5.72 -4.64
CA VAL B 86 -45.39 6.48 -5.60
C VAL B 86 -46.00 5.49 -6.59
N PRO B 87 -47.36 5.41 -6.67
CA PRO B 87 -48.02 4.69 -7.76
C PRO B 87 -47.53 5.15 -9.14
N ALA B 88 -47.36 4.21 -10.09
CA ALA B 88 -46.90 4.48 -11.47
C ALA B 88 -47.69 5.64 -12.11
N ASP B 89 -49.02 5.66 -11.97
CA ASP B 89 -49.90 6.70 -12.57
C ASP B 89 -49.46 8.08 -12.06
N GLU B 90 -49.30 8.20 -10.75
CA GLU B 90 -48.96 9.47 -10.06
C GLU B 90 -47.54 9.88 -10.48
N TRP B 91 -46.59 8.94 -10.42
CA TRP B 91 -45.16 9.19 -10.76
C TRP B 91 -45.08 9.71 -12.19
N LEU B 92 -45.69 9.00 -13.14
CA LEU B 92 -45.49 9.29 -14.60
C LEU B 92 -46.19 10.60 -15.00
N LYS B 93 -47.04 11.15 -14.13
CA LYS B 93 -47.67 12.49 -14.32
C LYS B 93 -46.62 13.60 -14.20
N LEU B 94 -45.43 13.31 -13.66
CA LEU B 94 -44.30 14.29 -13.64
C LEU B 94 -44.00 14.73 -15.08
N MET B 95 -44.30 13.89 -16.08
CA MET B 95 -44.19 14.21 -17.53
C MET B 95 -44.82 15.58 -17.81
N ASP B 96 -45.90 15.93 -17.10
CA ASP B 96 -46.62 17.20 -17.33
C ASP B 96 -45.71 18.40 -17.01
N GLN B 97 -44.73 18.24 -16.10
CA GLN B 97 -43.82 19.33 -15.66
C GLN B 97 -42.49 19.28 -16.43
N TRP B 98 -42.26 18.28 -17.29
CA TRP B 98 -40.97 18.09 -18.00
C TRP B 98 -40.81 19.17 -19.05
N ASN B 99 -39.98 20.18 -18.77
CA ASN B 99 -39.81 21.34 -19.69
C ASN B 99 -38.43 21.96 -19.48
N PRO B 100 -37.35 21.27 -19.93
CA PRO B 100 -35.99 21.73 -19.66
C PRO B 100 -35.54 22.80 -20.66
N THR B 101 -36.04 24.04 -20.49
CA THR B 101 -35.81 25.09 -21.51
C THR B 101 -34.36 25.57 -21.50
N LYS B 102 -33.57 25.24 -20.45
CA LYS B 102 -32.13 25.58 -20.42
C LYS B 102 -31.31 24.51 -21.15
N PHE B 103 -31.93 23.40 -21.55
CA PHE B 103 -31.27 22.30 -22.29
C PHE B 103 -30.67 22.80 -23.60
N ASP B 104 -29.43 22.41 -23.86
CA ASP B 104 -28.78 22.58 -25.18
C ASP B 104 -27.74 21.47 -25.34
N ALA B 105 -27.98 20.53 -26.24
CA ALA B 105 -27.14 19.34 -26.43
C ALA B 105 -25.72 19.76 -26.80
N LYS B 106 -25.57 20.85 -27.56
CA LYS B 106 -24.22 21.33 -27.94
C LYS B 106 -23.45 21.75 -26.68
N LYS B 107 -24.11 22.39 -25.72
CA LYS B 107 -23.47 22.87 -24.46
C LYS B 107 -23.15 21.65 -23.59
N TRP B 108 -23.98 20.60 -23.66
CA TRP B 108 -23.71 19.33 -22.95
C TRP B 108 -22.44 18.70 -23.54
N ALA B 109 -22.35 18.69 -24.87
CA ALA B 109 -21.29 17.98 -25.62
C ALA B 109 -19.96 18.73 -25.46
N LYS B 110 -20.02 20.06 -25.35
CA LYS B 110 -18.87 20.92 -25.02
C LYS B 110 -18.41 20.63 -23.57
N MET B 111 -19.31 20.63 -22.59
CA MET B 111 -18.96 20.36 -21.16
C MET B 111 -18.19 19.04 -21.08
N ALA B 112 -18.67 18.01 -21.79
CA ALA B 112 -18.09 16.66 -21.82
C ALA B 112 -16.71 16.72 -22.50
N LYS B 113 -16.63 17.44 -23.61
CA LYS B 113 -15.35 17.70 -24.32
C LYS B 113 -14.38 18.44 -23.40
N GLU B 114 -14.79 19.50 -22.67
CA GLU B 114 -13.83 20.26 -21.83
C GLU B 114 -13.26 19.25 -20.81
N MET B 115 -14.13 18.34 -20.32
CA MET B 115 -13.82 17.47 -19.16
C MET B 115 -12.74 16.46 -19.56
N GLY B 116 -12.61 16.20 -20.87
CA GLY B 116 -11.75 15.14 -21.38
C GLY B 116 -12.45 13.80 -21.42
N THR B 117 -13.78 13.78 -21.26
CA THR B 117 -14.60 12.56 -21.48
C THR B 117 -14.50 12.13 -22.93
N LYS B 118 -14.28 10.85 -23.18
CA LYS B 118 -14.16 10.28 -24.54
C LYS B 118 -15.46 9.58 -24.89
N TYR B 119 -16.31 9.27 -23.90
CA TYR B 119 -17.61 8.62 -24.13
C TYR B 119 -18.60 9.02 -23.05
N VAL B 120 -19.88 8.98 -23.43
CA VAL B 120 -21.02 9.33 -22.55
C VAL B 120 -22.05 8.21 -22.58
N LYS B 121 -22.35 7.72 -21.40
CA LYS B 121 -23.39 6.70 -21.16
C LYS B 121 -24.68 7.40 -20.71
N ILE B 122 -25.77 7.26 -21.46
CA ILE B 122 -27.00 8.08 -21.23
C ILE B 122 -28.14 7.14 -20.85
N THR B 123 -28.87 7.51 -19.81
CA THR B 123 -30.08 6.77 -19.40
C THR B 123 -31.17 6.94 -20.46
N THR B 124 -31.33 5.95 -21.32
CA THR B 124 -32.38 5.99 -22.37
C THR B 124 -33.72 5.84 -21.67
N LYS B 125 -33.74 4.96 -20.67
CA LYS B 125 -34.93 4.69 -19.84
C LYS B 125 -34.43 4.04 -18.56
N HIS B 126 -34.71 4.65 -17.41
CA HIS B 126 -34.35 4.13 -16.07
C HIS B 126 -35.52 3.30 -15.55
N HIS B 127 -35.38 2.73 -14.36
CA HIS B 127 -36.46 1.87 -13.76
C HIS B 127 -37.84 2.54 -13.97
N GLU B 128 -37.96 3.85 -13.75
CA GLU B 128 -39.27 4.57 -13.87
C GLU B 128 -39.93 4.36 -15.24
N GLY B 129 -39.16 4.07 -16.30
CA GLY B 129 -39.71 3.67 -17.61
C GLY B 129 -39.98 4.84 -18.53
N PHE B 130 -39.69 6.08 -18.08
CA PHE B 130 -39.84 7.29 -18.91
C PHE B 130 -38.68 7.32 -19.93
N CYS B 131 -39.01 7.44 -21.22
CA CYS B 131 -38.08 7.29 -22.38
C CYS B 131 -37.58 8.68 -22.82
N LEU B 132 -36.25 8.86 -22.95
CA LEU B 132 -35.69 10.15 -23.42
C LEU B 132 -35.77 10.24 -24.95
N TRP B 133 -36.26 9.18 -25.62
CA TRP B 133 -36.51 9.18 -27.09
C TRP B 133 -37.99 8.89 -27.31
N PRO B 134 -38.58 9.41 -28.41
CA PRO B 134 -39.99 9.20 -28.70
C PRO B 134 -40.28 7.77 -29.19
N SER B 135 -40.28 6.80 -28.27
CA SER B 135 -40.54 5.37 -28.56
C SER B 135 -41.96 5.20 -29.11
N LYS B 136 -42.12 4.28 -30.07
CA LYS B 136 -43.44 3.91 -30.63
C LYS B 136 -44.17 2.91 -29.72
N TYR B 137 -43.48 2.33 -28.72
CA TYR B 137 -43.97 1.14 -27.97
C TYR B 137 -44.49 1.51 -26.58
N THR B 138 -44.53 2.79 -26.28
CA THR B 138 -45.05 3.30 -24.99
C THR B 138 -45.39 4.76 -25.14
N LYS B 139 -46.37 5.24 -24.38
CA LYS B 139 -46.73 6.67 -24.33
C LYS B 139 -45.82 7.43 -23.34
N TYR B 140 -45.00 6.75 -22.53
CA TYR B 140 -44.22 7.42 -21.44
C TYR B 140 -42.86 7.88 -21.99
N THR B 141 -42.88 8.92 -22.82
CA THR B 141 -41.70 9.40 -23.59
C THR B 141 -41.70 10.93 -23.63
N VAL B 142 -40.53 11.53 -23.87
CA VAL B 142 -40.34 13.01 -24.04
C VAL B 142 -41.37 13.61 -25.01
N ALA B 143 -41.79 12.86 -26.03
CA ALA B 143 -42.77 13.28 -27.07
C ALA B 143 -44.05 13.77 -26.39
N ASN B 144 -44.49 13.08 -25.35
CA ASN B 144 -45.77 13.34 -24.63
C ASN B 144 -45.49 14.25 -23.43
N THR B 145 -44.56 15.19 -23.58
CA THR B 145 -44.25 16.24 -22.57
C THR B 145 -44.42 17.62 -23.22
N PRO B 146 -44.50 18.70 -22.43
CA PRO B 146 -44.44 20.05 -23.00
C PRO B 146 -43.23 20.29 -23.93
N TYR B 147 -42.06 19.71 -23.60
CA TYR B 147 -40.78 19.93 -24.33
C TYR B 147 -40.79 19.23 -25.69
N LYS B 148 -41.44 18.07 -25.79
CA LYS B 148 -41.76 17.31 -27.04
C LYS B 148 -40.50 16.70 -27.68
N ARG B 149 -39.34 17.33 -27.51
CA ARG B 149 -38.15 17.11 -28.36
C ARG B 149 -37.48 15.78 -27.98
N ASP B 150 -36.88 15.13 -29.00
CA ASP B 150 -36.10 13.88 -28.90
C ASP B 150 -34.76 14.23 -28.25
N ILE B 151 -34.73 14.30 -26.92
CA ILE B 151 -33.52 14.63 -26.11
C ILE B 151 -32.39 13.66 -26.46
N LEU B 152 -32.68 12.36 -26.54
CA LEU B 152 -31.64 11.34 -26.82
C LEU B 152 -30.98 11.65 -28.16
N GLY B 153 -31.78 11.75 -29.21
CA GLY B 153 -31.28 11.98 -30.57
C GLY B 153 -30.51 13.29 -30.63
N GLU B 154 -30.94 14.29 -29.86
CA GLU B 154 -30.26 15.59 -29.84
C GLU B 154 -28.88 15.40 -29.22
N LEU B 155 -28.81 14.69 -28.10
CA LEU B 155 -27.52 14.40 -27.43
C LEU B 155 -26.61 13.53 -28.29
N VAL B 156 -27.12 12.54 -29.01
CA VAL B 156 -26.31 11.59 -29.82
C VAL B 156 -25.54 12.42 -30.86
N LYS B 157 -26.27 13.29 -31.56
CA LYS B 157 -25.64 14.10 -32.63
C LYS B 157 -24.58 15.03 -32.02
N ALA B 158 -24.93 15.78 -30.96
CA ALA B 158 -24.05 16.78 -30.32
C ALA B 158 -22.78 16.09 -29.82
N TYR B 159 -22.92 14.99 -29.07
CA TYR B 159 -21.74 14.25 -28.55
C TYR B 159 -20.90 13.76 -29.75
N ASN B 160 -21.53 13.18 -30.76
CA ASN B 160 -20.79 12.55 -31.89
C ASN B 160 -19.98 13.63 -32.66
N ASP B 161 -20.50 14.85 -32.77
CA ASP B 161 -19.86 15.93 -33.57
C ASP B 161 -18.65 16.45 -32.82
N GLU B 162 -18.61 16.27 -31.48
CA GLU B 162 -17.44 16.64 -30.65
C GLU B 162 -16.48 15.43 -30.57
N GLY B 163 -16.77 14.36 -31.27
CA GLY B 163 -15.90 13.16 -31.37
C GLY B 163 -16.04 12.28 -30.13
N ILE B 164 -17.18 12.38 -29.46
CA ILE B 164 -17.47 11.62 -28.21
C ILE B 164 -18.39 10.43 -28.54
N ASP B 165 -17.98 9.21 -28.18
CA ASP B 165 -18.85 8.00 -28.31
C ASP B 165 -20.00 8.08 -27.32
N VAL B 166 -21.12 7.50 -27.72
CA VAL B 166 -22.38 7.52 -26.92
C VAL B 166 -22.77 6.08 -26.69
N HIS B 167 -23.04 5.75 -25.43
CA HIS B 167 -23.44 4.39 -24.95
C HIS B 167 -24.82 4.55 -24.35
N PHE B 168 -25.63 3.51 -24.44
CA PHE B 168 -27.03 3.56 -24.00
C PHE B 168 -27.18 2.71 -22.74
N TYR B 169 -27.40 3.38 -21.60
CA TYR B 169 -27.92 2.72 -20.38
C TYR B 169 -29.37 2.33 -20.72
N PHE B 170 -29.80 1.11 -20.37
CA PHE B 170 -31.20 0.68 -20.59
C PHE B 170 -31.59 -0.27 -19.46
N SER B 171 -32.69 0.06 -18.80
CA SER B 171 -33.22 -0.74 -17.67
C SER B 171 -34.26 -1.74 -18.21
N VAL B 172 -34.00 -3.04 -18.05
CA VAL B 172 -34.99 -4.07 -18.46
C VAL B 172 -36.14 -3.97 -17.45
N MET B 173 -35.85 -4.01 -16.14
CA MET B 173 -36.89 -3.76 -15.10
C MET B 173 -37.54 -2.40 -15.38
N ASP B 174 -38.87 -2.38 -15.47
CA ASP B 174 -39.62 -1.17 -15.91
C ASP B 174 -40.87 -1.04 -15.05
N TRP B 175 -40.87 -0.06 -14.13
CA TRP B 175 -41.98 0.22 -13.19
C TRP B 175 -43.18 0.84 -13.92
N SER B 176 -43.08 1.18 -15.21
CA SER B 176 -44.19 1.83 -15.96
C SER B 176 -45.05 0.73 -16.60
N ASN B 177 -44.50 -0.48 -16.70
CA ASN B 177 -45.14 -1.60 -17.45
C ASN B 177 -45.59 -2.65 -16.42
N PRO B 178 -46.91 -2.83 -16.20
CA PRO B 178 -47.39 -3.82 -15.22
C PRO B 178 -47.17 -5.27 -15.68
N ASP B 179 -46.73 -5.49 -16.92
CA ASP B 179 -46.34 -6.85 -17.42
C ASP B 179 -44.99 -7.30 -16.83
N TYR B 180 -44.21 -6.39 -16.21
CA TYR B 180 -42.96 -6.79 -15.53
C TYR B 180 -43.33 -7.81 -14.43
N ARG B 181 -42.44 -8.77 -14.20
CA ARG B 181 -42.52 -9.68 -13.02
C ARG B 181 -41.12 -9.83 -12.45
N TYR B 182 -41.04 -10.02 -11.13
CA TYR B 182 -39.80 -10.25 -10.35
C TYR B 182 -39.43 -11.73 -10.32
N ASP B 183 -40.45 -12.59 -10.46
CA ASP B 183 -40.26 -14.06 -10.51
C ASP B 183 -41.44 -14.57 -11.33
N ILE B 184 -41.37 -15.82 -11.77
CA ILE B 184 -42.42 -16.47 -12.61
C ILE B 184 -42.96 -17.67 -11.81
N LYS B 185 -44.14 -17.53 -11.22
CA LYS B 185 -44.67 -18.44 -10.19
C LYS B 185 -46.11 -18.83 -10.50
N SER B 186 -46.55 -18.59 -11.74
CA SER B 186 -47.97 -18.80 -12.17
C SER B 186 -48.01 -18.71 -13.69
N LYS B 187 -49.06 -19.26 -14.31
CA LYS B 187 -49.29 -19.18 -15.77
C LYS B 187 -49.51 -17.71 -16.18
N GLU B 188 -50.20 -16.94 -15.35
CA GLU B 188 -50.43 -15.49 -15.60
C GLU B 188 -49.07 -14.74 -15.59
N ASP B 189 -48.19 -15.05 -14.64
CA ASP B 189 -46.77 -14.57 -14.60
C ASP B 189 -46.08 -14.87 -15.92
N SER B 190 -46.19 -16.10 -16.42
CA SER B 190 -45.53 -16.54 -17.69
C SER B 190 -46.06 -15.75 -18.90
N ILE B 191 -47.38 -15.61 -18.98
CA ILE B 191 -48.08 -14.90 -20.10
C ILE B 191 -47.65 -13.43 -20.07
N ALA B 192 -47.69 -12.81 -18.89
CA ALA B 192 -47.40 -11.36 -18.73
C ALA B 192 -45.92 -11.08 -19.06
N PHE B 193 -45.00 -11.85 -18.47
CA PHE B 193 -43.53 -11.61 -18.63
C PHE B 193 -43.13 -11.83 -20.09
N SER B 194 -43.79 -12.76 -20.77
CA SER B 194 -43.54 -13.03 -22.21
C SER B 194 -43.85 -11.77 -23.03
N ARG B 195 -44.98 -11.13 -22.74
CA ARG B 195 -45.41 -9.81 -23.30
C ARG B 195 -44.34 -8.77 -22.99
N PHE B 196 -43.86 -8.75 -21.74
CA PHE B 196 -42.84 -7.78 -21.30
C PHE B 196 -41.55 -7.98 -22.11
N LEU B 197 -41.09 -9.22 -22.30
CA LEU B 197 -39.82 -9.44 -23.07
C LEU B 197 -39.99 -9.00 -24.54
N GLU B 198 -41.17 -9.22 -25.11
N GLU B 198 -41.18 -9.19 -25.11
CA GLU B 198 -41.53 -8.77 -26.48
CA GLU B 198 -41.48 -8.76 -26.51
C GLU B 198 -41.37 -7.25 -26.58
C GLU B 198 -41.38 -7.23 -26.60
N PHE B 199 -41.95 -6.52 -25.61
CA PHE B 199 -41.89 -5.04 -25.48
C PHE B 199 -40.43 -4.60 -25.36
N THR B 200 -39.67 -5.30 -24.52
CA THR B 200 -38.24 -4.96 -24.30
C THR B 200 -37.45 -5.10 -25.63
N ASP B 201 -37.67 -6.18 -26.38
CA ASP B 201 -36.98 -6.44 -27.67
C ASP B 201 -37.34 -5.29 -28.64
N ASN B 202 -38.60 -4.86 -28.62
CA ASN B 202 -39.11 -3.80 -29.51
C ASN B 202 -38.32 -2.51 -29.25
N GLN B 203 -38.17 -2.11 -27.98
CA GLN B 203 -37.48 -0.84 -27.62
C GLN B 203 -36.00 -0.97 -27.98
N LEU B 204 -35.38 -2.12 -27.68
CA LEU B 204 -33.94 -2.35 -27.96
C LEU B 204 -33.70 -2.25 -29.47
N LYS B 205 -34.47 -2.98 -30.29
CA LYS B 205 -34.40 -2.91 -31.78
C LYS B 205 -34.62 -1.48 -32.26
N GLU B 206 -35.59 -0.77 -31.68
CA GLU B 206 -35.91 0.65 -32.03
C GLU B 206 -34.71 1.57 -31.74
N LEU B 207 -34.04 1.45 -30.58
CA LEU B 207 -32.86 2.30 -30.21
C LEU B 207 -31.71 2.08 -31.19
N ALA B 208 -31.46 0.81 -31.51
CA ALA B 208 -30.32 0.37 -32.35
C ALA B 208 -30.51 0.85 -33.79
N THR B 209 -31.77 1.01 -34.23
CA THR B 209 -32.14 1.37 -35.63
C THR B 209 -32.23 2.90 -35.72
N ARG B 210 -32.85 3.57 -34.74
CA ARG B 210 -32.96 5.06 -34.72
C ARG B 210 -31.58 5.69 -34.53
N TYR B 211 -30.66 5.04 -33.81
CA TYR B 211 -29.37 5.66 -33.37
C TYR B 211 -28.20 4.73 -33.66
N PRO B 212 -27.94 4.44 -34.95
CA PRO B 212 -26.90 3.48 -35.31
C PRO B 212 -25.48 3.93 -34.91
N THR B 213 -25.24 5.15 -34.41
CA THR B 213 -23.86 5.50 -33.93
C THR B 213 -23.63 4.90 -32.52
N VAL B 214 -24.66 4.32 -31.90
CA VAL B 214 -24.51 3.77 -30.52
C VAL B 214 -23.32 2.80 -30.50
N LYS B 215 -22.42 2.90 -29.50
CA LYS B 215 -21.22 2.06 -29.37
C LYS B 215 -21.36 0.97 -28.29
N ASP B 216 -22.38 1.07 -27.43
CA ASP B 216 -22.51 0.16 -26.25
C ASP B 216 -23.93 0.23 -25.71
N PHE B 217 -24.42 -0.89 -25.19
CA PHE B 217 -25.64 -1.01 -24.38
C PHE B 217 -25.22 -1.55 -22.99
N TRP B 218 -25.47 -0.73 -21.98
CA TRP B 218 -25.14 -0.99 -20.56
C TRP B 218 -26.47 -1.30 -19.88
N PHE B 219 -26.77 -2.58 -19.76
CA PHE B 219 -28.03 -3.06 -19.15
C PHE B 219 -27.99 -2.96 -17.62
N ASP B 220 -29.16 -2.66 -17.06
CA ASP B 220 -29.45 -2.61 -15.61
C ASP B 220 -30.84 -3.21 -15.40
N GLY B 221 -31.21 -3.49 -14.15
CA GLY B 221 -32.57 -4.00 -13.91
C GLY B 221 -32.73 -5.41 -14.47
N THR B 222 -31.68 -6.22 -14.40
CA THR B 222 -31.59 -7.59 -14.95
C THR B 222 -31.30 -8.63 -13.85
N TRP B 223 -31.39 -8.26 -12.57
CA TRP B 223 -30.98 -9.11 -11.41
C TRP B 223 -32.12 -10.02 -10.94
N ASP B 224 -33.35 -9.78 -11.39
CA ASP B 224 -34.52 -10.50 -10.78
C ASP B 224 -34.52 -11.96 -11.23
N ALA B 225 -35.12 -12.83 -10.43
CA ALA B 225 -35.32 -14.27 -10.74
C ALA B 225 -35.96 -14.40 -12.14
N SER B 226 -36.84 -13.49 -12.53
CA SER B 226 -37.52 -13.51 -13.85
C SER B 226 -36.53 -13.44 -15.02
N VAL B 227 -35.43 -12.70 -14.87
CA VAL B 227 -34.40 -12.56 -15.95
C VAL B 227 -33.39 -13.71 -15.83
N LYS B 228 -32.91 -13.99 -14.62
CA LYS B 228 -31.93 -15.07 -14.27
C LYS B 228 -32.41 -16.43 -14.80
N LYS B 229 -33.71 -16.68 -14.76
CA LYS B 229 -34.31 -17.98 -15.18
C LYS B 229 -34.53 -18.01 -16.70
N ASN B 230 -34.34 -16.88 -17.39
CA ASN B 230 -34.51 -16.70 -18.85
C ASN B 230 -33.17 -16.29 -19.49
N GLY B 231 -32.09 -16.99 -19.12
CA GLY B 231 -30.72 -16.80 -19.64
C GLY B 231 -30.73 -16.73 -21.15
N TRP B 232 -31.46 -17.64 -21.82
CA TRP B 232 -31.62 -17.68 -23.30
C TRP B 232 -31.92 -16.27 -23.84
N TRP B 233 -32.80 -15.54 -23.15
CA TRP B 233 -33.27 -14.21 -23.61
C TRP B 233 -32.10 -13.21 -23.56
N THR B 234 -31.33 -13.22 -22.47
CA THR B 234 -30.17 -12.30 -22.30
C THR B 234 -29.18 -12.55 -23.44
N ALA B 235 -28.95 -13.80 -23.77
CA ALA B 235 -28.01 -14.19 -24.86
C ALA B 235 -28.59 -13.70 -26.21
N HIS B 236 -29.91 -13.79 -26.35
CA HIS B 236 -30.65 -13.32 -27.56
C HIS B 236 -30.53 -11.80 -27.71
N ALA B 237 -30.63 -11.03 -26.62
CA ALA B 237 -30.60 -9.55 -26.71
C ALA B 237 -29.18 -9.12 -27.12
N GLU B 238 -28.15 -9.78 -26.58
CA GLU B 238 -26.74 -9.53 -26.98
C GLU B 238 -26.59 -9.83 -28.49
N GLN B 239 -27.05 -11.00 -28.93
CA GLN B 239 -26.86 -11.48 -30.33
C GLN B 239 -27.57 -10.49 -31.26
N MET B 240 -28.83 -10.17 -30.93
CA MET B 240 -29.73 -9.31 -31.73
C MET B 240 -29.09 -7.93 -31.88
N LEU B 241 -28.51 -7.38 -30.81
CA LEU B 241 -27.92 -6.02 -30.89
C LEU B 241 -26.58 -6.05 -31.65
N LYS B 242 -25.80 -7.14 -31.53
CA LYS B 242 -24.50 -7.29 -32.23
C LYS B 242 -24.76 -7.44 -33.73
N GLU B 243 -25.92 -7.93 -34.13
CA GLU B 243 -26.32 -8.04 -35.55
C GLU B 243 -26.75 -6.67 -36.09
N LEU B 244 -27.49 -5.88 -35.29
CA LEU B 244 -28.02 -4.57 -35.72
C LEU B 244 -26.91 -3.52 -35.68
N VAL B 245 -25.92 -3.66 -34.79
CA VAL B 245 -24.89 -2.60 -34.57
C VAL B 245 -23.51 -3.23 -34.61
N PRO B 246 -22.86 -3.22 -35.79
CA PRO B 246 -21.50 -3.73 -35.92
C PRO B 246 -20.47 -3.21 -34.89
N GLY B 247 -19.88 -4.15 -34.15
CA GLY B 247 -18.84 -3.91 -33.13
C GLY B 247 -19.38 -3.30 -31.85
N VAL B 248 -20.71 -3.24 -31.66
CA VAL B 248 -21.32 -2.68 -30.41
C VAL B 248 -20.77 -3.49 -29.21
N ALA B 249 -20.58 -2.83 -28.05
CA ALA B 249 -20.22 -3.49 -26.77
C ALA B 249 -21.49 -3.76 -25.97
N ILE B 250 -21.46 -4.81 -25.13
CA ILE B 250 -22.62 -5.24 -24.29
C ILE B 250 -22.06 -5.55 -22.92
N ASN B 251 -22.64 -5.01 -21.83
CA ASN B 251 -22.03 -5.21 -20.48
C ASN B 251 -22.39 -6.59 -19.94
N SER B 252 -21.62 -7.05 -18.95
CA SER B 252 -21.76 -8.36 -18.25
C SER B 252 -23.08 -8.39 -17.47
N ARG B 253 -23.54 -7.25 -16.98
CA ARG B 253 -24.77 -7.10 -16.14
C ARG B 253 -26.01 -7.64 -16.85
N LEU B 254 -26.12 -7.53 -18.17
CA LEU B 254 -27.25 -8.15 -18.92
C LEU B 254 -27.36 -9.66 -18.62
N ARG B 255 -26.22 -10.33 -18.56
CA ARG B 255 -26.14 -11.75 -18.97
C ARG B 255 -26.31 -12.72 -17.80
N ALA B 256 -27.16 -13.75 -18.01
CA ALA B 256 -27.29 -14.96 -17.19
C ALA B 256 -27.12 -16.17 -18.12
N ASP B 257 -26.36 -17.17 -17.71
CA ASP B 257 -26.20 -18.41 -18.52
C ASP B 257 -27.41 -19.34 -18.26
N ASP B 258 -27.30 -20.58 -18.77
CA ASP B 258 -28.31 -21.67 -18.75
C ASP B 258 -28.70 -22.05 -17.31
N LYS B 259 -27.82 -21.78 -16.34
CA LYS B 259 -28.00 -22.17 -14.91
C LYS B 259 -28.32 -20.94 -14.06
N GLY B 260 -28.44 -19.76 -14.68
CA GLY B 260 -28.84 -18.51 -14.03
C GLY B 260 -27.66 -17.83 -13.35
N LYS B 261 -26.44 -18.21 -13.71
CA LYS B 261 -25.18 -17.58 -13.22
C LYS B 261 -25.07 -16.23 -13.93
N ARG B 262 -24.85 -15.12 -13.20
CA ARG B 262 -24.81 -13.78 -13.84
C ARG B 262 -23.36 -13.27 -13.94
N HIS B 263 -23.11 -12.44 -14.95
CA HIS B 263 -21.83 -11.77 -15.29
C HIS B 263 -20.83 -12.80 -15.83
N PHE B 264 -20.48 -13.79 -15.01
CA PHE B 264 -19.52 -14.87 -15.36
C PHE B 264 -20.32 -16.16 -15.42
N ASP B 265 -20.06 -16.98 -16.43
CA ASP B 265 -20.85 -18.21 -16.69
C ASP B 265 -20.38 -19.29 -15.69
N SER B 266 -21.01 -20.47 -15.75
CA SER B 266 -20.79 -21.58 -14.79
C SER B 266 -19.37 -22.15 -14.99
N ASN B 267 -18.70 -21.81 -16.09
CA ASN B 267 -17.28 -22.18 -16.35
C ASN B 267 -16.34 -21.05 -15.90
N GLY B 268 -16.90 -20.00 -15.28
CA GLY B 268 -16.15 -18.82 -14.81
C GLY B 268 -15.71 -17.90 -15.94
N ARG B 269 -16.35 -17.95 -17.10
CA ARG B 269 -15.94 -17.15 -18.28
C ARG B 269 -16.84 -15.91 -18.37
N LEU B 270 -16.27 -14.75 -18.66
CA LEU B 270 -17.03 -13.48 -18.68
C LEU B 270 -18.03 -13.48 -19.84
N MET B 271 -19.29 -13.13 -19.56
CA MET B 271 -20.34 -12.92 -20.59
C MET B 271 -20.49 -11.42 -20.95
N GLY B 272 -21.00 -11.16 -22.14
CA GLY B 272 -20.83 -9.82 -22.72
C GLY B 272 -19.36 -9.52 -22.99
N ASP B 273 -19.05 -8.27 -23.23
CA ASP B 273 -17.73 -7.87 -23.78
C ASP B 273 -16.83 -7.30 -22.68
N TYR B 274 -17.40 -6.92 -21.51
CA TYR B 274 -16.64 -6.36 -20.38
C TYR B 274 -17.41 -6.57 -19.07
N GLU B 275 -16.68 -6.62 -17.96
CA GLU B 275 -17.31 -6.76 -16.63
C GLU B 275 -17.71 -5.35 -16.18
N SER B 276 -18.96 -5.18 -15.75
CA SER B 276 -19.50 -3.96 -15.13
C SER B 276 -19.76 -4.27 -13.65
N GLY B 277 -18.89 -3.79 -12.76
CA GLY B 277 -19.04 -3.81 -11.29
C GLY B 277 -18.21 -2.71 -10.65
N TYR B 278 -17.85 -2.87 -9.38
CA TYR B 278 -16.90 -2.03 -8.61
C TYR B 278 -17.46 -0.60 -8.44
N GLU B 279 -18.80 -0.48 -8.40
CA GLU B 279 -19.56 0.78 -8.11
C GLU B 279 -19.39 1.11 -6.62
N ARG B 280 -19.31 0.07 -5.78
CA ARG B 280 -19.06 0.13 -4.30
C ARG B 280 -17.57 0.37 -4.03
N ARG B 281 -16.71 -0.51 -4.53
CA ARG B 281 -15.24 -0.42 -4.35
C ARG B 281 -14.54 -0.89 -5.63
N LEU B 282 -13.49 -0.19 -6.02
CA LEU B 282 -12.61 -0.63 -7.13
C LEU B 282 -11.84 -1.87 -6.69
N PRO B 283 -11.29 -2.64 -7.65
CA PRO B 283 -10.43 -3.77 -7.31
C PRO B 283 -9.19 -3.34 -6.52
N ASP B 284 -8.81 -4.18 -5.55
CA ASP B 284 -7.61 -3.94 -4.72
C ASP B 284 -6.37 -4.13 -5.57
N PRO B 285 -5.48 -3.10 -5.59
CA PRO B 285 -4.28 -3.10 -6.43
C PRO B 285 -3.32 -4.28 -6.20
N VAL B 286 -3.40 -4.94 -5.06
CA VAL B 286 -2.50 -6.10 -4.74
C VAL B 286 -3.27 -7.42 -4.91
N LYS B 287 -4.49 -7.50 -4.38
CA LYS B 287 -5.21 -8.79 -4.21
C LYS B 287 -6.05 -9.13 -5.44
N ASP B 288 -6.37 -8.18 -6.33
CA ASP B 288 -7.36 -8.44 -7.43
C ASP B 288 -6.72 -8.21 -8.80
N LEU B 289 -5.47 -8.62 -9.00
CA LEU B 289 -4.81 -8.48 -10.33
C LEU B 289 -5.52 -9.36 -11.36
N LYS B 290 -6.39 -10.27 -10.92
CA LYS B 290 -7.15 -11.14 -11.86
C LYS B 290 -7.99 -10.28 -12.83
N VAL B 291 -8.36 -9.04 -12.47
CA VAL B 291 -9.27 -8.24 -13.33
C VAL B 291 -8.50 -7.82 -14.59
N THR B 292 -7.16 -7.86 -14.56
CA THR B 292 -6.34 -7.41 -15.73
C THR B 292 -6.58 -8.35 -16.92
N GLN B 293 -7.22 -9.51 -16.68
CA GLN B 293 -7.40 -10.61 -17.66
C GLN B 293 -8.60 -10.36 -18.58
N TRP B 294 -9.46 -9.42 -18.22
CA TRP B 294 -10.65 -9.08 -19.03
C TRP B 294 -10.87 -7.59 -19.03
N ASP B 295 -11.55 -7.08 -20.08
CA ASP B 295 -12.07 -5.71 -20.14
C ASP B 295 -13.09 -5.55 -19.01
N TRP B 296 -13.08 -4.36 -18.42
CA TRP B 296 -14.02 -4.00 -17.34
C TRP B 296 -14.17 -2.49 -17.30
N GLU B 297 -15.28 -2.05 -16.72
CA GLU B 297 -15.65 -0.64 -16.56
C GLU B 297 -16.29 -0.44 -15.18
N ALA B 298 -15.74 0.49 -14.43
CA ALA B 298 -16.35 0.94 -13.17
C ALA B 298 -17.15 2.21 -13.46
N CYS B 299 -18.21 2.44 -12.71
N CYS B 299 -18.19 2.47 -12.66
CA CYS B 299 -18.93 3.72 -12.67
CA CYS B 299 -19.02 3.70 -12.70
C CYS B 299 -18.85 4.29 -11.25
C CYS B 299 -19.17 4.26 -11.28
N MET B 300 -19.05 5.59 -11.12
CA MET B 300 -19.02 6.20 -9.78
C MET B 300 -19.92 7.42 -9.73
N THR B 301 -20.38 7.71 -8.52
CA THR B 301 -21.16 8.93 -8.22
C THR B 301 -20.19 9.93 -7.59
N ILE B 302 -20.52 11.22 -7.67
CA ILE B 302 -19.73 12.26 -6.97
C ILE B 302 -20.10 12.25 -5.47
N PRO B 303 -21.38 12.38 -5.09
CA PRO B 303 -21.79 12.09 -3.72
C PRO B 303 -21.70 10.58 -3.49
N GLU B 304 -21.95 10.13 -2.26
CA GLU B 304 -21.76 8.70 -1.91
C GLU B 304 -22.69 7.81 -2.73
N ASN B 305 -23.95 8.18 -2.88
CA ASN B 305 -24.91 7.31 -3.63
C ASN B 305 -26.07 8.17 -4.13
N GLN B 306 -25.82 8.98 -5.16
CA GLN B 306 -26.86 9.75 -5.89
C GLN B 306 -26.49 9.69 -7.37
N TRP B 307 -27.37 9.15 -8.20
CA TRP B 307 -27.12 9.09 -9.66
C TRP B 307 -27.99 10.16 -10.33
N GLY B 308 -29.31 10.10 -10.11
CA GLY B 308 -30.22 11.16 -10.55
C GLY B 308 -29.97 12.43 -9.71
N TYR B 309 -30.44 13.58 -10.19
CA TYR B 309 -30.36 14.88 -9.47
C TYR B 309 -31.05 14.74 -8.11
N HIS B 310 -30.32 15.04 -7.05
CA HIS B 310 -30.82 15.26 -5.66
C HIS B 310 -30.52 16.71 -5.27
N LYS B 311 -31.52 17.40 -4.77
CA LYS B 311 -31.46 18.85 -4.44
C LYS B 311 -30.56 19.09 -3.21
N ASP B 312 -30.23 18.10 -2.39
CA ASP B 312 -29.45 18.39 -1.16
C ASP B 312 -28.19 17.53 -1.09
N TRP B 313 -27.04 18.05 -1.59
CA TRP B 313 -25.76 17.30 -1.57
C TRP B 313 -25.07 17.37 -0.20
N SER B 314 -25.67 17.98 0.82
CA SER B 314 -25.11 18.04 2.19
C SER B 314 -25.38 16.76 2.97
N LEU B 315 -26.27 15.88 2.48
CA LEU B 315 -26.71 14.66 3.19
C LEU B 315 -25.64 13.56 3.16
N SER B 316 -24.65 13.62 2.27
CA SER B 316 -23.53 12.65 2.26
C SER B 316 -22.25 13.35 1.82
N TYR B 317 -21.15 12.62 1.86
CA TYR B 317 -19.82 13.08 1.47
C TYR B 317 -19.80 13.27 -0.06
N VAL B 318 -19.25 14.40 -0.50
CA VAL B 318 -19.09 14.77 -1.93
C VAL B 318 -17.60 14.76 -2.27
N LYS B 319 -17.22 13.92 -3.26
CA LYS B 319 -15.83 13.74 -3.75
C LYS B 319 -15.30 15.04 -4.36
N THR B 320 -14.05 15.37 -4.00
CA THR B 320 -13.30 16.47 -4.63
C THR B 320 -12.81 15.97 -5.96
N PRO B 321 -12.41 16.84 -6.92
CA PRO B 321 -11.82 16.39 -8.17
C PRO B 321 -10.66 15.39 -8.03
N ILE B 322 -9.73 15.63 -7.11
CA ILE B 322 -8.54 14.73 -6.97
C ILE B 322 -9.02 13.36 -6.47
N GLU B 323 -10.03 13.30 -5.61
CA GLU B 323 -10.58 11.98 -5.15
C GLU B 323 -11.17 11.27 -6.37
N VAL B 324 -11.77 12.02 -7.29
CA VAL B 324 -12.31 11.40 -8.54
C VAL B 324 -11.16 11.01 -9.45
N ILE B 325 -10.13 11.84 -9.67
CA ILE B 325 -9.03 11.50 -10.60
C ILE B 325 -8.29 10.26 -10.04
N ASP B 326 -8.19 10.15 -8.71
CA ASP B 326 -7.57 8.99 -8.02
C ASP B 326 -8.26 7.72 -8.55
N ARG B 327 -9.57 7.72 -8.51
CA ARG B 327 -10.41 6.56 -8.94
C ARG B 327 -10.23 6.31 -10.44
N ILE B 328 -10.23 7.37 -11.26
CA ILE B 328 -10.03 7.17 -12.72
C ILE B 328 -8.70 6.43 -12.95
N VAL B 329 -7.61 6.92 -12.34
CA VAL B 329 -6.24 6.41 -12.62
C VAL B 329 -6.15 4.97 -12.08
N HIS B 330 -6.83 4.71 -10.96
CA HIS B 330 -6.84 3.39 -10.30
C HIS B 330 -7.42 2.40 -11.30
N ALA B 331 -8.56 2.73 -11.88
CA ALA B 331 -9.23 1.89 -12.88
C ALA B 331 -8.26 1.58 -14.03
N VAL B 332 -7.67 2.56 -14.68
CA VAL B 332 -6.78 2.32 -15.87
C VAL B 332 -5.54 1.50 -15.46
N SER B 333 -5.02 1.72 -14.24
CA SER B 333 -3.82 1.05 -13.69
C SER B 333 -4.12 -0.45 -13.56
N MET B 334 -5.41 -0.82 -13.48
CA MET B 334 -5.81 -2.23 -13.48
C MET B 334 -6.60 -2.65 -14.74
N GLY B 335 -6.34 -1.94 -15.84
CA GLY B 335 -6.85 -2.33 -17.18
C GLY B 335 -8.33 -2.07 -17.30
N GLY B 336 -8.83 -1.04 -16.60
CA GLY B 336 -10.29 -0.78 -16.50
C GLY B 336 -10.65 0.62 -16.95
N ASN B 337 -11.89 0.82 -17.40
CA ASN B 337 -12.50 2.14 -17.68
C ASN B 337 -13.16 2.67 -16.40
N MET B 338 -13.31 3.98 -16.30
CA MET B 338 -14.03 4.68 -15.20
C MET B 338 -15.03 5.65 -15.82
N VAL B 339 -16.28 5.59 -15.37
CA VAL B 339 -17.32 6.55 -15.80
C VAL B 339 -17.77 7.42 -14.62
N VAL B 340 -17.66 8.75 -14.75
CA VAL B 340 -18.08 9.69 -13.68
C VAL B 340 -19.49 10.13 -13.97
N ASN B 341 -20.38 9.90 -13.02
CA ASN B 341 -21.82 10.24 -13.15
C ASN B 341 -22.13 11.72 -12.91
N PHE B 342 -23.06 12.21 -13.72
CA PHE B 342 -23.72 13.53 -13.63
C PHE B 342 -25.22 13.35 -13.63
N GLY B 343 -25.90 14.16 -12.82
CA GLY B 343 -27.36 14.12 -12.69
C GLY B 343 -27.92 15.52 -12.97
N PRO B 344 -28.17 15.82 -14.26
CA PRO B 344 -28.63 17.14 -14.68
C PRO B 344 -29.91 17.56 -13.95
N GLN B 345 -30.00 18.87 -13.69
CA GLN B 345 -31.20 19.53 -13.13
C GLN B 345 -32.36 19.35 -14.10
N ALA B 346 -33.57 19.45 -13.59
CA ALA B 346 -34.81 19.34 -14.39
C ALA B 346 -34.86 20.46 -15.44
N ASP B 347 -34.12 21.56 -15.26
CA ASP B 347 -34.21 22.72 -16.20
C ASP B 347 -33.29 22.48 -17.40
N GLY B 348 -32.53 21.37 -17.43
CA GLY B 348 -31.59 21.08 -18.52
C GLY B 348 -30.20 21.70 -18.34
N ASP B 349 -29.88 22.28 -17.19
CA ASP B 349 -28.51 22.77 -16.88
C ASP B 349 -27.89 21.87 -15.81
N PHE B 350 -26.60 22.06 -15.53
CA PHE B 350 -25.87 21.29 -14.50
C PHE B 350 -25.61 22.14 -13.27
N ARG B 351 -25.67 21.53 -12.10
CA ARG B 351 -25.48 22.21 -10.81
C ARG B 351 -24.03 22.71 -10.77
N PRO B 352 -23.75 23.72 -9.92
CA PRO B 352 -22.41 24.30 -9.79
C PRO B 352 -21.30 23.28 -9.50
N GLU B 353 -21.56 22.29 -8.63
CA GLU B 353 -20.55 21.29 -8.18
C GLU B 353 -20.11 20.45 -9.39
N GLU B 354 -21.03 20.08 -10.28
CA GLU B 354 -20.73 19.24 -11.46
C GLU B 354 -19.97 20.05 -12.51
N LYS B 355 -20.31 21.34 -12.67
CA LYS B 355 -19.51 22.14 -13.62
C LYS B 355 -18.09 22.27 -13.05
N ALA B 356 -17.91 22.49 -11.75
CA ALA B 356 -16.56 22.64 -11.13
C ALA B 356 -15.79 21.33 -11.33
N MET B 357 -16.46 20.19 -11.15
CA MET B 357 -15.82 18.86 -11.29
C MET B 357 -15.31 18.64 -12.73
N ALA B 358 -16.20 18.81 -13.70
CA ALA B 358 -15.93 18.64 -15.14
C ALA B 358 -14.75 19.55 -15.51
N THR B 359 -14.79 20.80 -15.07
CA THR B 359 -13.74 21.81 -15.36
C THR B 359 -12.41 21.29 -14.81
N ALA B 360 -12.41 20.89 -13.55
CA ALA B 360 -11.17 20.46 -12.84
C ALA B 360 -10.64 19.17 -13.48
N ILE B 361 -11.50 18.18 -13.76
CA ILE B 361 -11.03 16.91 -14.39
C ILE B 361 -10.40 17.24 -15.73
N GLY B 362 -11.05 18.06 -16.54
CA GLY B 362 -10.46 18.47 -17.83
C GLY B 362 -9.11 19.19 -17.65
N LYS B 363 -9.01 20.13 -16.71
CA LYS B 363 -7.75 20.93 -16.46
C LYS B 363 -6.62 19.94 -16.16
N TRP B 364 -6.87 18.96 -15.28
CA TRP B 364 -5.88 17.90 -14.99
C TRP B 364 -5.66 17.00 -16.21
N MET B 365 -6.72 16.51 -16.86
CA MET B 365 -6.59 15.54 -18.00
C MET B 365 -5.83 16.21 -19.17
N ASN B 366 -5.89 17.52 -19.28
CA ASN B 366 -5.17 18.20 -20.41
C ASN B 366 -3.66 18.14 -20.12
N ARG B 367 -3.24 18.25 -18.85
CA ARG B 367 -1.82 18.19 -18.42
C ARG B 367 -1.35 16.75 -18.54
N TYR B 368 -2.10 15.80 -17.96
CA TYR B 368 -1.57 14.48 -17.53
C TYR B 368 -2.25 13.34 -18.31
N GLY B 369 -3.19 13.67 -19.19
CA GLY B 369 -3.99 12.67 -19.92
C GLY B 369 -3.22 11.64 -20.71
N LYS B 370 -1.98 11.93 -21.14
CA LYS B 370 -1.14 10.88 -21.76
C LYS B 370 -1.07 9.63 -20.87
N ALA B 371 -1.18 9.79 -19.55
CA ALA B 371 -1.03 8.65 -18.60
C ALA B 371 -2.33 7.82 -18.52
N VAL B 372 -3.43 8.32 -19.10
CA VAL B 372 -4.78 7.72 -18.92
C VAL B 372 -5.31 7.21 -20.26
N TYR B 373 -5.47 8.08 -21.25
CA TYR B 373 -6.04 7.64 -22.54
C TYR B 373 -5.06 6.61 -23.12
N ALA B 374 -5.62 5.52 -23.68
CA ALA B 374 -4.93 4.41 -24.35
C ALA B 374 -3.80 3.85 -23.47
N CYS B 375 -3.99 3.82 -22.14
CA CYS B 375 -3.02 3.22 -21.20
C CYS B 375 -3.69 2.01 -20.56
N ASP B 376 -2.91 1.19 -19.84
CA ASP B 376 -3.37 -0.13 -19.32
C ASP B 376 -2.46 -0.51 -18.14
N TYR B 377 -2.73 -1.66 -17.56
CA TYR B 377 -1.93 -2.31 -16.49
C TYR B 377 -0.47 -2.45 -16.94
N ALA B 378 0.47 -2.04 -16.08
CA ALA B 378 1.93 -2.00 -16.35
C ALA B 378 2.65 -3.29 -15.92
N GLY B 379 2.04 -4.18 -15.12
CA GLY B 379 2.70 -5.39 -14.59
C GLY B 379 3.69 -5.12 -13.44
N PHE B 380 3.63 -3.94 -12.79
CA PHE B 380 4.61 -3.52 -11.76
C PHE B 380 3.95 -3.63 -10.38
N GLU B 381 4.72 -3.99 -9.36
CA GLU B 381 4.20 -4.10 -7.97
C GLU B 381 3.75 -2.73 -7.49
N LYS B 382 2.56 -2.65 -6.89
CA LYS B 382 1.96 -1.37 -6.46
C LYS B 382 2.81 -0.72 -5.37
N GLN B 383 3.05 0.58 -5.45
CA GLN B 383 3.77 1.38 -4.43
C GLN B 383 2.87 2.45 -3.81
N ASP B 384 3.27 2.98 -2.66
CA ASP B 384 2.48 3.91 -1.82
C ASP B 384 2.23 5.25 -2.54
N TRP B 385 3.11 5.68 -3.43
CA TRP B 385 3.03 7.08 -3.92
C TRP B 385 1.92 7.21 -4.95
N GLY B 386 1.38 6.11 -5.47
CA GLY B 386 0.35 6.18 -6.54
C GLY B 386 0.30 4.95 -7.41
N TYR B 387 0.09 5.11 -8.73
CA TYR B 387 -0.29 4.05 -9.69
C TYR B 387 0.71 4.03 -10.86
N TYR B 388 0.97 2.87 -11.41
CA TYR B 388 1.63 2.70 -12.74
C TYR B 388 0.54 2.62 -13.80
N THR B 389 0.76 3.25 -14.95
CA THR B 389 0.04 2.86 -16.19
C THR B 389 1.10 2.64 -17.27
N ARG B 390 0.69 1.86 -18.28
CA ARG B 390 1.51 1.46 -19.45
C ARG B 390 0.93 2.06 -20.73
N GLY B 391 1.69 2.95 -21.41
CA GLY B 391 1.34 3.47 -22.75
C GLY B 391 1.40 2.37 -23.81
N LYS B 392 0.95 2.65 -25.04
CA LYS B 392 0.99 1.67 -26.16
C LYS B 392 2.43 1.36 -26.60
N ASN B 393 3.43 2.18 -26.25
CA ASN B 393 4.80 1.93 -26.77
C ASN B 393 5.76 1.62 -25.62
N ASP B 394 5.25 1.04 -24.53
CA ASP B 394 6.03 0.63 -23.33
C ASP B 394 6.43 1.84 -22.48
N GLU B 395 5.83 3.01 -22.67
CA GLU B 395 5.98 4.10 -21.68
C GLU B 395 5.45 3.51 -20.36
N VAL B 396 6.10 3.85 -19.23
CA VAL B 396 5.57 3.59 -17.85
C VAL B 396 5.44 4.92 -17.14
N TYR B 397 4.20 5.27 -16.86
CA TYR B 397 3.87 6.53 -16.19
C TYR B 397 3.75 6.12 -14.72
N MET B 398 4.46 6.85 -13.90
CA MET B 398 4.23 6.92 -12.47
C MET B 398 3.23 8.06 -12.27
N VAL B 399 2.00 7.69 -11.97
CA VAL B 399 1.00 8.71 -11.57
C VAL B 399 1.05 8.85 -10.05
N VAL B 400 1.66 9.95 -9.63
CA VAL B 400 1.99 10.27 -8.22
C VAL B 400 0.86 11.06 -7.59
N PHE B 401 0.20 10.44 -6.62
CA PHE B 401 -0.85 11.07 -5.79
C PHE B 401 -0.36 11.39 -4.40
N ASN B 402 0.67 10.66 -3.92
CA ASN B 402 1.18 10.79 -2.54
C ASN B 402 2.69 11.06 -2.62
N GLN B 403 3.05 12.31 -2.38
CA GLN B 403 4.42 12.81 -2.67
C GLN B 403 5.33 12.41 -1.50
N PRO B 404 6.37 11.58 -1.70
CA PRO B 404 7.21 11.19 -0.55
C PRO B 404 8.11 12.34 -0.08
N TYR B 405 8.09 12.67 1.20
CA TYR B 405 9.09 13.57 1.83
C TYR B 405 10.53 13.10 1.54
N SER B 406 10.73 11.79 1.42
CA SER B 406 12.03 11.20 1.00
C SER B 406 12.55 11.78 -0.35
N GLU B 407 11.70 12.38 -1.19
CA GLU B 407 12.07 12.83 -2.56
C GLU B 407 12.46 11.66 -3.43
N ARG B 408 12.09 10.45 -3.01
CA ARG B 408 12.43 9.23 -3.76
C ARG B 408 11.14 8.44 -3.88
N LEU B 409 10.81 8.11 -5.12
CA LEU B 409 9.67 7.25 -5.52
C LEU B 409 10.22 5.86 -5.77
N ILE B 410 9.87 4.91 -4.90
CA ILE B 410 10.39 3.52 -4.98
C ILE B 410 9.81 2.85 -6.22
N VAL B 411 10.65 2.30 -7.07
CA VAL B 411 10.18 1.49 -8.21
C VAL B 411 10.85 0.13 -8.09
N LYS B 412 10.07 -0.89 -7.74
N LYS B 412 10.04 -0.90 -7.82
CA LYS B 412 10.49 -2.30 -7.89
CA LYS B 412 10.46 -2.32 -7.88
C LYS B 412 10.06 -2.72 -9.28
C LYS B 412 10.07 -2.90 -9.23
N THR B 413 11.03 -3.01 -10.14
CA THR B 413 10.78 -3.53 -11.51
C THR B 413 10.53 -5.03 -11.40
N PRO B 414 9.72 -5.62 -12.31
CA PRO B 414 9.65 -7.08 -12.41
C PRO B 414 10.98 -7.69 -12.88
N LYS B 415 11.08 -9.00 -12.74
CA LYS B 415 12.26 -9.83 -13.13
C LYS B 415 12.59 -9.56 -14.61
N GLY B 416 13.63 -8.74 -14.85
CA GLY B 416 14.22 -8.47 -16.18
C GLY B 416 13.73 -7.14 -16.76
N ILE B 417 13.66 -6.08 -15.95
CA ILE B 417 13.27 -4.69 -16.36
C ILE B 417 14.17 -3.69 -15.65
N THR B 418 14.57 -2.60 -16.33
CA THR B 418 15.44 -1.54 -15.78
C THR B 418 14.87 -0.16 -16.13
N VAL B 419 15.12 0.84 -15.31
CA VAL B 419 14.66 2.23 -15.60
C VAL B 419 15.84 2.98 -16.25
N GLU B 420 15.71 3.30 -17.54
CA GLU B 420 16.76 3.99 -18.35
C GLU B 420 16.68 5.50 -18.10
N LYS B 421 15.48 6.06 -17.96
CA LYS B 421 15.33 7.51 -17.65
C LYS B 421 13.97 7.82 -17.06
N ALA B 422 13.81 9.06 -16.60
CA ALA B 422 12.55 9.59 -16.04
C ALA B 422 12.51 11.09 -16.35
N THR B 423 11.30 11.59 -16.72
CA THR B 423 10.98 12.92 -17.32
C THR B 423 9.71 13.51 -16.67
N LEU B 424 9.75 14.74 -16.15
CA LEU B 424 8.51 15.41 -15.68
C LEU B 424 7.64 15.59 -16.92
N LEU B 425 6.51 14.86 -17.01
CA LEU B 425 5.65 14.91 -18.23
C LEU B 425 5.37 16.34 -18.68
N THR B 426 4.97 17.25 -17.77
CA THR B 426 4.42 18.56 -18.21
C THR B 426 5.56 19.43 -18.78
N THR B 427 6.73 19.41 -18.13
CA THR B 427 7.98 20.07 -18.59
C THR B 427 8.65 19.01 -19.48
N GLY B 428 9.91 19.18 -19.83
CA GLY B 428 10.74 18.10 -20.42
C GLY B 428 11.67 17.50 -19.38
N GLU B 429 11.68 18.04 -18.15
CA GLU B 429 12.84 18.04 -17.21
C GLU B 429 13.20 16.61 -16.81
N ASP B 430 14.49 16.24 -16.95
CA ASP B 430 15.05 14.89 -16.68
C ASP B 430 15.13 14.67 -15.15
N ILE B 431 14.95 13.41 -14.74
CA ILE B 431 14.65 12.97 -13.34
C ILE B 431 15.69 11.93 -12.92
N THR B 432 16.45 12.19 -11.86
CA THR B 432 17.57 11.29 -11.47
C THR B 432 16.92 9.95 -11.05
N VAL B 433 17.32 8.86 -11.71
CA VAL B 433 17.08 7.44 -11.29
C VAL B 433 18.33 6.96 -10.53
N VAL B 434 18.16 6.37 -9.34
CA VAL B 434 19.25 5.69 -8.55
C VAL B 434 18.81 4.25 -8.28
N GLU B 435 19.65 3.27 -8.63
CA GLU B 435 19.45 1.85 -8.25
C GLU B 435 19.77 1.69 -6.74
N THR B 436 19.00 0.89 -5.98
CA THR B 436 19.17 0.75 -4.50
C THR B 436 19.45 -0.71 -4.10
N THR B 437 18.80 -1.69 -4.73
CA THR B 437 19.02 -3.15 -4.54
C THR B 437 18.78 -3.81 -5.90
N ARG B 438 18.84 -5.13 -5.99
CA ARG B 438 18.49 -5.87 -7.23
C ARG B 438 16.98 -5.69 -7.46
N ASN B 439 16.61 -5.17 -8.61
CA ASN B 439 15.18 -5.00 -9.00
C ASN B 439 14.52 -3.87 -8.20
N GLU B 440 15.25 -2.86 -7.70
CA GLU B 440 14.63 -1.70 -6.99
C GLU B 440 15.37 -0.41 -7.32
N TYR B 441 14.63 0.72 -7.46
CA TYR B 441 15.18 2.09 -7.68
C TYR B 441 14.52 3.14 -6.81
N ASN B 442 15.25 4.23 -6.60
CA ASN B 442 14.69 5.53 -6.22
C ASN B 442 14.59 6.37 -7.48
N VAL B 443 13.55 6.11 -8.27
CA VAL B 443 13.21 7.08 -9.35
C VAL B 443 13.01 8.39 -8.60
N SER B 444 13.90 9.36 -8.79
CA SER B 444 13.78 10.66 -8.10
C SER B 444 12.46 11.28 -8.53
N VAL B 445 11.96 12.15 -7.67
CA VAL B 445 10.81 13.02 -8.00
C VAL B 445 11.38 14.06 -8.94
N PRO B 446 10.50 14.84 -9.58
CA PRO B 446 10.94 15.87 -10.51
C PRO B 446 11.75 16.92 -9.75
N LYS B 447 12.70 17.56 -10.44
CA LYS B 447 13.58 18.58 -9.81
C LYS B 447 12.67 19.58 -9.10
N LYS B 448 11.50 19.83 -9.67
CA LYS B 448 10.50 20.77 -9.07
C LYS B 448 9.15 20.08 -8.89
N ASN B 449 8.43 20.39 -7.82
CA ASN B 449 7.30 19.56 -7.36
C ASN B 449 6.11 19.90 -8.24
N PRO B 450 5.54 18.98 -9.03
CA PRO B 450 4.44 19.43 -9.89
C PRO B 450 3.27 20.12 -9.18
N GLY B 451 3.17 20.01 -7.85
CA GLY B 451 2.18 20.69 -6.96
C GLY B 451 0.73 20.20 -7.10
N GLU B 452 0.51 19.11 -7.78
CA GLU B 452 -0.82 18.45 -7.79
C GLU B 452 -0.50 17.03 -8.18
N PRO B 453 -1.49 16.11 -8.25
CA PRO B 453 -1.18 14.77 -8.73
C PRO B 453 -0.53 15.05 -10.06
N TYR B 454 0.55 14.34 -10.33
CA TYR B 454 1.44 14.64 -11.44
C TYR B 454 1.95 13.34 -12.00
N VAL B 455 2.70 13.50 -13.07
CA VAL B 455 3.19 12.35 -13.85
C VAL B 455 4.70 12.47 -14.08
N ILE B 456 5.42 11.37 -13.81
CA ILE B 456 6.83 11.13 -14.25
C ILE B 456 6.78 9.94 -15.19
N GLN B 457 7.38 10.09 -16.37
CA GLN B 457 7.42 9.04 -17.42
C GLN B 457 8.77 8.33 -17.40
N LEU B 458 8.74 7.00 -17.45
CA LEU B 458 9.91 6.07 -17.39
C LEU B 458 10.10 5.44 -18.76
N LYS B 459 11.36 5.35 -19.21
CA LYS B 459 11.84 4.43 -20.25
C LYS B 459 12.28 3.12 -19.57
N VAL B 460 11.67 2.00 -19.96
CA VAL B 460 12.03 0.61 -19.50
C VAL B 460 12.70 -0.13 -20.65
N ARG B 461 13.11 -1.39 -20.38
CA ARG B 461 13.88 -2.29 -21.29
C ARG B 461 14.00 -3.66 -20.60
N ALA B 462 13.81 -4.75 -21.35
CA ALA B 462 13.55 -6.12 -20.83
C ALA B 462 14.78 -7.03 -21.03
N ALA B 463 14.90 -7.66 -22.21
CA ALA B 463 15.94 -8.67 -22.57
C ALA B 463 15.65 -9.99 -21.86
#